data_9BIW
#
_entry.id   9BIW
#
_cell.length_a   48.236
_cell.length_b   138.835
_cell.length_c   152.109
_cell.angle_alpha   90.00
_cell.angle_beta   90.00
_cell.angle_gamma   90.00
#
_symmetry.space_group_name_H-M   'P 21 21 21'
#
loop_
_entity.id
_entity.type
_entity.pdbx_description
1 polymer 'Chelona Toxin'
2 non-polymer 'CALCIUM ION'
3 water water
#
_entity_poly.entity_id   1
_entity_poly.type   'polypeptide(L)'
_entity_poly.pdbx_seq_one_letter_code
;MYANDVVLKDQSTTVDSFTSYHGAKPESFNAVLTGIKKPEKGSQGNNDPDWKGFYTTDNKHAAAGYTVSDESVLSGKAGG
VVRVTYPGKTRILAVKSLSAAELKGKLGLDSAKPLIDQLNDKSFLEKYGDGANRVVLKMPFADGTEDSEFIHNWKDAEQL
SVETEVRFDNLGKRGQDAMNSYMNMANCPSTSAVRAKRSPGKICLSKINWKNVREKADALTKKVHADKEFMDKLSTHHQR
GEAPSVEKTTALHNALLEHESFSALKGARASGKVGAAASTAAWGVAVAQAFTDPKADALTKTAATLSVVPGLGQALGIAD
GIKHENTEEIVVQSISLAGLLAAQAIPVVGEAVDFGLLVYQLVETIVDLATHLSSAAANPPTEATDSVRPAVSLGLRAGW
KTEEDAKLHIGSPYGMKFQRIVLSAEEGKEIPFVRAAVAVDSKFLKINGPRSFVVQNGIKTPMACFETEGNLAFCRPSRP
IFLSSSSPATLHLSYVTNEHENGTIKNPTVDILGQRIVENKVITANKVSLVYKVDSSNTL
;
_entity_poly.pdbx_strand_id   A,B
#
loop_
_chem_comp.id
_chem_comp.type
_chem_comp.name
_chem_comp.formula
CA non-polymer 'CALCIUM ION' 'Ca 2'
#
# COMPACT_ATOMS: atom_id res chain seq x y z
N ASP A 5 23.58 -30.08 -4.13
CA ASP A 5 22.19 -29.77 -3.81
C ASP A 5 21.73 -28.49 -4.51
N VAL A 6 22.60 -27.93 -5.37
CA VAL A 6 22.27 -26.67 -6.01
C VAL A 6 21.16 -26.84 -7.03
N VAL A 7 20.97 -28.04 -7.57
CA VAL A 7 19.95 -28.28 -8.58
C VAL A 7 18.59 -28.34 -7.91
N LEU A 8 17.60 -27.66 -8.51
CA LEU A 8 16.21 -27.66 -8.04
C LEU A 8 15.39 -28.50 -9.01
N LYS A 9 15.17 -29.77 -8.67
CA LYS A 9 14.47 -30.68 -9.58
C LYS A 9 13.05 -30.23 -9.86
N ASP A 10 12.38 -29.61 -8.89
CA ASP A 10 10.98 -29.22 -9.08
C ASP A 10 10.83 -28.12 -10.13
N GLN A 11 11.89 -27.36 -10.40
CA GLN A 11 11.86 -26.30 -11.39
C GLN A 11 12.61 -26.64 -12.66
N SER A 12 13.31 -27.77 -12.70
CA SER A 12 14.08 -28.19 -13.86
C SER A 12 13.25 -29.12 -14.74
N THR A 13 13.34 -28.93 -16.07
CA THR A 13 12.56 -29.69 -17.03
C THR A 13 13.41 -30.03 -18.25
N THR A 14 12.91 -30.97 -19.04
CA THR A 14 13.52 -31.38 -20.30
C THR A 14 12.50 -31.17 -21.41
N VAL A 15 12.79 -30.26 -22.33
CA VAL A 15 11.82 -29.79 -23.30
C VAL A 15 12.32 -30.07 -24.71
N ASP A 16 11.41 -30.55 -25.57
CA ASP A 16 11.67 -30.68 -26.99
C ASP A 16 11.15 -29.43 -27.70
N SER A 17 11.93 -28.94 -28.66
CA SER A 17 11.62 -27.69 -29.37
C SER A 17 11.35 -26.56 -28.39
N PHE A 18 12.30 -26.33 -27.49
CA PHE A 18 12.15 -25.32 -26.45
C PHE A 18 12.10 -23.93 -27.08
N THR A 19 11.02 -23.20 -26.78
CA THR A 19 10.79 -21.88 -27.33
C THR A 19 10.71 -20.85 -26.21
N SER A 20 11.32 -19.69 -26.42
CA SER A 20 11.25 -18.56 -25.49
C SER A 20 11.31 -17.27 -26.30
N TYR A 21 11.24 -16.14 -25.59
CA TYR A 21 11.11 -14.83 -26.22
C TYR A 21 12.23 -13.89 -25.77
N HIS A 22 12.58 -12.97 -26.66
CA HIS A 22 13.67 -12.03 -26.44
C HIS A 22 13.32 -10.67 -27.03
N GLY A 23 13.39 -9.63 -26.20
CA GLY A 23 13.14 -8.28 -26.65
C GLY A 23 14.41 -7.58 -27.08
N ALA A 24 14.41 -7.03 -28.29
CA ALA A 24 15.57 -6.34 -28.84
C ALA A 24 15.23 -4.88 -29.11
N LYS A 25 16.21 -4.01 -28.88
CA LYS A 25 16.04 -2.57 -29.10
C LYS A 25 16.11 -2.24 -30.59
N PRO A 26 15.64 -1.03 -30.97
CA PRO A 26 15.65 -0.66 -32.40
C PRO A 26 16.98 -0.92 -33.11
N GLU A 27 18.08 -0.66 -32.42
CA GLU A 27 19.40 -0.78 -33.02
C GLU A 27 19.85 -2.23 -33.21
N SER A 28 19.27 -3.18 -32.48
CA SER A 28 19.74 -4.55 -32.50
C SER A 28 18.75 -5.55 -33.11
N PHE A 29 17.49 -5.16 -33.29
CA PHE A 29 16.45 -6.11 -33.69
C PHE A 29 16.78 -6.80 -35.01
N ASN A 30 17.23 -6.02 -36.01
CA ASN A 30 17.46 -6.60 -37.33
C ASN A 30 18.60 -7.61 -37.31
N ALA A 31 19.65 -7.34 -36.54
CA ALA A 31 20.74 -8.31 -36.45
C ALA A 31 20.34 -9.54 -35.65
N VAL A 32 19.44 -9.38 -34.68
CA VAL A 32 18.96 -10.52 -33.91
C VAL A 32 18.08 -11.42 -34.78
N LEU A 33 17.25 -10.82 -35.62
CA LEU A 33 16.34 -11.60 -36.44
C LEU A 33 17.08 -12.54 -37.39
N THR A 34 18.21 -12.10 -37.94
CA THR A 34 18.95 -12.96 -38.85
C THR A 34 19.70 -14.07 -38.15
N GLY A 35 19.84 -14.01 -36.82
CA GLY A 35 20.51 -15.06 -36.09
C GLY A 35 21.02 -14.61 -34.73
N ILE A 36 21.03 -15.52 -33.75
CA ILE A 36 21.52 -15.22 -32.42
C ILE A 36 23.02 -15.46 -32.36
N LYS A 37 23.76 -14.47 -31.89
CA LYS A 37 25.20 -14.50 -31.81
C LYS A 37 25.65 -13.49 -30.77
N LYS A 38 26.75 -13.81 -30.10
CA LYS A 38 27.29 -12.92 -29.08
C LYS A 38 27.70 -11.60 -29.72
N PRO A 39 27.09 -10.48 -29.33
CA PRO A 39 27.44 -9.19 -29.94
C PRO A 39 28.84 -8.75 -29.54
N GLU A 40 29.53 -8.11 -30.49
CA GLU A 40 30.83 -7.55 -30.18
C GLU A 40 30.71 -6.27 -29.37
N LYS A 41 29.62 -5.53 -29.54
CA LYS A 41 29.37 -4.30 -28.79
C LYS A 41 28.42 -4.58 -27.64
N GLY A 42 28.65 -3.94 -26.51
CA GLY A 42 27.77 -4.06 -25.37
C GLY A 42 28.35 -4.93 -24.27
N SER A 43 27.46 -5.42 -23.41
CA SER A 43 27.82 -6.23 -22.25
C SER A 43 27.62 -7.73 -22.47
N GLN A 44 27.00 -8.13 -23.58
CA GLN A 44 26.72 -9.54 -23.87
C GLN A 44 25.94 -10.21 -22.73
N GLY A 45 24.93 -9.50 -22.22
CA GLY A 45 24.04 -10.02 -21.21
C GLY A 45 24.41 -9.71 -19.79
N ASN A 46 25.69 -9.47 -19.51
CA ASN A 46 26.15 -9.24 -18.15
C ASN A 46 27.55 -8.68 -18.18
N ASN A 47 27.80 -7.66 -17.36
CA ASN A 47 29.15 -7.15 -17.20
C ASN A 47 30.04 -8.12 -16.45
N ASP A 48 29.44 -9.07 -15.73
CA ASP A 48 30.18 -10.16 -15.12
C ASP A 48 30.43 -11.25 -16.15
N PRO A 49 31.69 -11.58 -16.46
CA PRO A 49 31.96 -12.62 -17.47
C PRO A 49 31.31 -13.96 -17.18
N ASP A 50 31.18 -14.34 -15.90
CA ASP A 50 30.55 -15.61 -15.56
C ASP A 50 29.13 -15.72 -16.07
N TRP A 51 28.41 -14.60 -16.15
CA TRP A 51 27.00 -14.63 -16.52
C TRP A 51 26.75 -14.10 -17.93
N LYS A 52 27.80 -13.93 -18.73
CA LYS A 52 27.61 -13.50 -20.10
C LYS A 52 26.88 -14.59 -20.89
N GLY A 53 25.83 -14.20 -21.59
CA GLY A 53 25.03 -15.16 -22.33
C GLY A 53 23.81 -14.50 -22.92
N PHE A 54 23.01 -15.33 -23.60
CA PHE A 54 21.78 -14.89 -24.23
C PHE A 54 20.65 -15.07 -23.24
N TYR A 55 19.86 -14.02 -23.04
CA TYR A 55 18.80 -13.99 -22.03
C TYR A 55 17.45 -13.95 -22.72
N THR A 56 16.59 -14.91 -22.39
CA THR A 56 15.22 -14.95 -22.89
C THR A 56 14.26 -15.11 -21.72
N THR A 57 12.97 -14.97 -22.03
CA THR A 57 11.92 -15.05 -21.03
C THR A 57 10.77 -15.88 -21.59
N ASP A 58 10.02 -16.52 -20.69
CA ASP A 58 8.85 -17.27 -21.13
C ASP A 58 7.62 -16.38 -21.30
N ASN A 59 7.74 -15.09 -20.99
CA ASN A 59 6.66 -14.12 -21.10
C ASN A 59 6.97 -13.20 -22.28
N LYS A 60 6.24 -13.38 -23.38
CA LYS A 60 6.47 -12.54 -24.56
C LYS A 60 6.05 -11.10 -24.32
N HIS A 61 5.15 -10.85 -23.37
CA HIS A 61 4.74 -9.49 -23.07
C HIS A 61 5.82 -8.74 -22.31
N ALA A 62 6.53 -9.45 -21.41
CA ALA A 62 7.65 -8.84 -20.71
C ALA A 62 8.80 -8.59 -21.67
N ALA A 63 8.99 -9.46 -22.64
CA ALA A 63 10.02 -9.25 -23.66
C ALA A 63 9.73 -7.99 -24.47
N ALA A 64 8.45 -7.68 -24.70
CA ALA A 64 8.11 -6.47 -25.43
C ALA A 64 8.56 -5.22 -24.69
N GLY A 65 8.59 -5.26 -23.37
CA GLY A 65 9.03 -4.14 -22.58
C GLY A 65 10.53 -3.92 -22.57
N TYR A 66 11.30 -4.84 -23.17
CA TYR A 66 12.74 -4.67 -23.32
C TYR A 66 13.12 -4.30 -24.75
N THR A 67 12.17 -3.80 -25.53
CA THR A 67 12.42 -3.33 -26.88
C THR A 67 12.59 -1.82 -26.98
N VAL A 68 12.34 -1.09 -25.89
CA VAL A 68 12.43 0.37 -25.93
C VAL A 68 13.86 0.81 -26.13
N SER A 69 14.04 1.81 -26.98
CA SER A 69 15.35 2.41 -27.15
C SER A 69 15.78 3.14 -25.87
N ASP A 70 17.06 3.03 -25.54
CA ASP A 70 17.66 3.80 -24.46
C ASP A 70 18.62 4.85 -24.99
N GLU A 71 18.59 5.10 -26.31
CA GLU A 71 19.37 6.18 -26.88
C GLU A 71 18.90 7.53 -26.35
N SER A 72 17.58 7.71 -26.29
CA SER A 72 16.95 8.96 -25.89
C SER A 72 15.94 8.65 -24.80
N VAL A 73 15.32 9.70 -24.25
CA VAL A 73 14.28 9.56 -23.25
C VAL A 73 12.96 9.94 -23.90
N LEU A 74 11.96 9.06 -23.75
CA LEU A 74 10.62 9.29 -24.31
C LEU A 74 10.67 9.50 -25.82
N SER A 75 11.49 8.72 -26.51
CA SER A 75 11.59 8.84 -27.97
C SER A 75 10.40 8.23 -28.69
N GLY A 76 9.73 7.25 -28.06
CA GLY A 76 8.65 6.54 -28.71
C GLY A 76 9.10 5.47 -29.68
N LYS A 77 10.37 5.11 -29.67
CA LYS A 77 10.94 4.14 -30.60
C LYS A 77 11.13 2.81 -29.89
N ALA A 78 10.69 1.73 -30.54
CA ALA A 78 10.81 0.39 -30.01
C ALA A 78 11.32 -0.57 -31.08
N GLY A 79 11.91 -1.66 -30.65
CA GLY A 79 12.42 -2.67 -31.56
C GLY A 79 11.42 -3.76 -31.84
N GLY A 80 11.61 -4.93 -31.22
CA GLY A 80 10.67 -6.02 -31.40
C GLY A 80 11.11 -7.25 -30.63
N VAL A 81 10.20 -8.22 -30.59
CA VAL A 81 10.40 -9.47 -29.86
C VAL A 81 10.60 -10.58 -30.88
N VAL A 82 11.62 -11.41 -30.65
CA VAL A 82 11.87 -12.58 -31.48
C VAL A 82 11.48 -13.83 -30.71
N ARG A 83 10.88 -14.78 -31.40
CA ARG A 83 10.57 -16.10 -30.87
C ARG A 83 11.69 -17.05 -31.28
N VAL A 84 12.40 -17.60 -30.29
CA VAL A 84 13.59 -18.41 -30.53
C VAL A 84 13.33 -19.84 -30.09
N THR A 85 13.59 -20.78 -30.99
CA THR A 85 13.33 -22.20 -30.79
C THR A 85 14.58 -23.01 -31.09
N TYR A 86 14.97 -23.97 -30.13
CA TYR A 86 16.09 -24.89 -30.29
C TYR A 86 15.67 -26.14 -31.06
N PRO A 87 16.60 -26.75 -31.79
CA PRO A 87 16.36 -28.10 -32.32
C PRO A 87 16.59 -29.16 -31.26
N GLY A 88 15.77 -30.21 -31.31
CA GLY A 88 16.00 -31.31 -30.40
C GLY A 88 15.58 -30.99 -28.98
N LYS A 89 16.22 -31.66 -28.03
CA LYS A 89 15.83 -31.58 -26.63
C LYS A 89 16.74 -30.64 -25.86
N THR A 90 16.15 -29.89 -24.94
CA THR A 90 16.86 -28.94 -24.09
C THR A 90 16.53 -29.24 -22.64
N ARG A 91 17.53 -29.19 -21.78
CA ARG A 91 17.34 -29.29 -20.34
C ARG A 91 17.40 -27.90 -19.74
N ILE A 92 16.31 -27.47 -19.12
CA ILE A 92 16.28 -26.23 -18.36
C ILE A 92 16.69 -26.58 -16.94
N LEU A 93 17.90 -26.20 -16.54
CA LEU A 93 18.44 -26.54 -15.23
C LEU A 93 18.22 -25.37 -14.30
N ALA A 94 17.38 -25.59 -13.29
CA ALA A 94 17.16 -24.59 -12.24
C ALA A 94 18.10 -24.87 -11.08
N VAL A 95 18.72 -23.81 -10.57
CA VAL A 95 19.68 -23.92 -9.49
C VAL A 95 19.37 -22.90 -8.41
N LYS A 96 20.00 -23.07 -7.25
CA LYS A 96 19.81 -22.17 -6.14
C LYS A 96 20.46 -20.83 -6.43
N SER A 97 19.92 -19.77 -5.82
CA SER A 97 20.47 -18.43 -5.98
C SER A 97 21.79 -18.32 -5.23
N LEU A 98 22.88 -18.73 -5.87
CA LEU A 98 24.21 -18.71 -5.28
C LEU A 98 25.15 -17.97 -6.20
N SER A 99 26.35 -17.69 -5.71
CA SER A 99 27.36 -17.06 -6.54
C SER A 99 27.86 -18.04 -7.57
N ALA A 100 28.30 -17.51 -8.72
CA ALA A 100 28.81 -18.37 -9.79
C ALA A 100 29.95 -19.23 -9.30
N ALA A 101 30.84 -18.67 -8.48
CA ALA A 101 31.96 -19.44 -7.95
C ALA A 101 31.48 -20.67 -7.19
N GLU A 102 30.46 -20.51 -6.34
CA GLU A 102 29.91 -21.65 -5.62
C GLU A 102 29.21 -22.61 -6.56
N LEU A 103 28.46 -22.09 -7.54
CA LEU A 103 27.80 -22.94 -8.51
C LEU A 103 28.80 -23.72 -9.35
N LYS A 104 29.86 -23.06 -9.81
CA LYS A 104 30.87 -23.73 -10.63
C LYS A 104 31.48 -24.91 -9.90
N GLY A 105 31.83 -24.73 -8.61
CA GLY A 105 32.43 -25.82 -7.87
C GLY A 105 31.45 -26.95 -7.61
N LYS A 106 30.20 -26.62 -7.26
CA LYS A 106 29.22 -27.63 -6.90
C LYS A 106 28.68 -28.39 -8.11
N LEU A 107 28.84 -27.85 -9.31
CA LEU A 107 28.40 -28.51 -10.53
C LEU A 107 29.54 -29.22 -11.24
N GLY A 108 30.74 -29.19 -10.68
CA GLY A 108 31.88 -29.87 -11.25
C GLY A 108 32.51 -29.16 -12.44
N LEU A 109 32.39 -27.85 -12.51
CA LEU A 109 33.01 -27.10 -13.60
C LEU A 109 34.37 -26.56 -13.15
N ASP A 110 35.13 -26.07 -14.12
CA ASP A 110 36.39 -25.42 -13.82
C ASP A 110 36.10 -24.05 -13.22
N SER A 111 36.75 -23.74 -12.10
CA SER A 111 36.51 -22.48 -11.41
C SER A 111 37.21 -21.31 -12.08
N ALA A 112 38.12 -21.57 -13.00
CA ALA A 112 38.89 -20.53 -13.67
C ALA A 112 38.25 -20.09 -14.98
N LYS A 113 37.04 -20.56 -15.28
CA LYS A 113 36.37 -20.19 -16.51
C LYS A 113 34.96 -19.70 -16.21
N PRO A 114 34.39 -18.86 -17.09
CA PRO A 114 33.01 -18.39 -16.90
C PRO A 114 32.02 -19.55 -16.77
N LEU A 115 31.04 -19.36 -15.88
CA LEU A 115 30.05 -20.41 -15.61
C LEU A 115 29.18 -20.70 -16.82
N ILE A 116 28.48 -19.67 -17.33
CA ILE A 116 27.55 -19.88 -18.43
C ILE A 116 28.29 -20.35 -19.67
N ASP A 117 29.51 -19.85 -19.87
CA ASP A 117 30.35 -20.29 -20.98
C ASP A 117 30.76 -21.75 -20.85
N GLN A 118 30.46 -22.41 -19.74
CA GLN A 118 30.78 -23.81 -19.53
C GLN A 118 29.54 -24.70 -19.57
N LEU A 119 28.37 -24.15 -19.92
CA LEU A 119 27.16 -24.95 -19.97
C LEU A 119 27.22 -26.07 -20.99
N ASN A 120 28.13 -25.99 -21.97
CA ASN A 120 28.30 -27.03 -22.97
C ASN A 120 29.50 -27.91 -22.69
N ASP A 121 29.99 -27.92 -21.44
CA ASP A 121 31.02 -28.87 -21.05
C ASP A 121 30.47 -30.28 -21.22
N LYS A 122 31.26 -31.16 -21.82
CA LYS A 122 30.82 -32.53 -22.07
C LYS A 122 30.47 -33.24 -20.76
N SER A 123 31.32 -33.11 -19.73
CA SER A 123 31.02 -33.74 -18.44
C SER A 123 29.76 -33.16 -17.83
N PHE A 124 29.65 -31.84 -17.83
CA PHE A 124 28.47 -31.20 -17.26
C PHE A 124 27.22 -31.65 -17.99
N LEU A 125 27.29 -31.73 -19.32
CA LEU A 125 26.15 -32.14 -20.12
C LEU A 125 25.71 -33.56 -19.75
N GLU A 126 26.66 -34.48 -19.65
CA GLU A 126 26.31 -35.86 -19.29
C GLU A 126 25.68 -35.95 -17.91
N LYS A 127 26.28 -35.29 -16.92
CA LYS A 127 25.81 -35.42 -15.54
C LYS A 127 24.44 -34.76 -15.35
N TYR A 128 24.26 -33.55 -15.87
CA TYR A 128 23.06 -32.78 -15.57
C TYR A 128 22.11 -32.63 -16.76
N GLY A 129 22.48 -33.09 -17.95
CA GLY A 129 21.68 -32.82 -19.13
C GLY A 129 20.38 -33.61 -19.23
N ASP A 130 20.29 -34.75 -18.53
CA ASP A 130 19.14 -35.65 -18.66
C ASP A 130 19.02 -36.18 -20.09
N GLY A 131 20.16 -36.32 -20.77
CA GLY A 131 20.18 -36.77 -22.15
C GLY A 131 19.92 -35.71 -23.19
N ALA A 132 19.73 -34.46 -22.80
CA ALA A 132 19.41 -33.41 -23.76
C ALA A 132 20.65 -33.00 -24.57
N ASN A 133 20.40 -32.33 -25.69
CA ASN A 133 21.48 -31.84 -26.52
C ASN A 133 22.23 -30.70 -25.84
N ARG A 134 21.55 -29.92 -25.00
CA ARG A 134 22.16 -28.79 -24.34
C ARG A 134 21.52 -28.63 -22.96
N VAL A 135 22.03 -27.66 -22.21
CA VAL A 135 21.46 -27.28 -20.92
C VAL A 135 21.30 -25.77 -20.92
N VAL A 136 20.12 -25.30 -20.54
CA VAL A 136 19.85 -23.88 -20.39
C VAL A 136 19.53 -23.62 -18.93
N LEU A 137 20.21 -22.65 -18.34
CA LEU A 137 20.10 -22.39 -16.92
C LEU A 137 18.93 -21.44 -16.66
N LYS A 138 18.01 -21.85 -15.80
CA LYS A 138 16.99 -20.92 -15.33
C LYS A 138 17.64 -19.89 -14.43
N MET A 139 17.25 -18.64 -14.57
CA MET A 139 17.94 -17.56 -13.87
C MET A 139 17.84 -17.76 -12.37
N PRO A 140 18.95 -17.99 -11.68
CA PRO A 140 18.91 -18.17 -10.22
C PRO A 140 18.47 -16.92 -9.48
N PHE A 141 19.21 -15.83 -9.64
CA PHE A 141 18.85 -14.58 -8.96
C PHE A 141 17.49 -14.11 -9.42
N ALA A 142 16.74 -13.52 -8.49
CA ALA A 142 15.31 -13.35 -8.66
C ALA A 142 14.95 -12.10 -9.48
N ASP A 143 13.65 -11.87 -9.55
CA ASP A 143 13.03 -10.68 -10.12
C ASP A 143 11.64 -10.63 -9.51
N GLY A 144 11.02 -9.46 -9.54
CA GLY A 144 9.71 -9.38 -8.90
C GLY A 144 8.61 -10.10 -9.64
N THR A 145 8.86 -10.49 -10.88
CA THR A 145 7.80 -11.03 -11.73
C THR A 145 7.61 -12.52 -11.49
N GLU A 146 6.42 -13.00 -11.84
CA GLU A 146 6.12 -14.42 -11.86
C GLU A 146 6.53 -15.08 -13.18
N ASP A 147 7.36 -14.41 -13.97
CA ASP A 147 7.87 -14.96 -15.21
C ASP A 147 9.12 -15.77 -14.93
N SER A 148 9.48 -16.61 -15.91
CA SER A 148 10.71 -17.38 -15.85
C SER A 148 11.68 -16.85 -16.91
N GLU A 149 12.95 -16.77 -16.54
CA GLU A 149 13.98 -16.27 -17.44
C GLU A 149 15.07 -17.32 -17.59
N PHE A 150 15.68 -17.36 -18.77
CA PHE A 150 16.64 -18.39 -19.13
C PHE A 150 17.92 -17.76 -19.63
N ILE A 151 19.05 -18.32 -19.21
CA ILE A 151 20.37 -17.86 -19.61
C ILE A 151 21.00 -18.94 -20.49
N HIS A 152 21.26 -18.59 -21.75
CA HIS A 152 21.77 -19.53 -22.73
C HIS A 152 23.27 -19.35 -22.93
N ASN A 153 23.96 -20.46 -23.21
CA ASN A 153 25.35 -20.39 -23.60
C ASN A 153 25.44 -19.73 -24.96
N TRP A 154 26.39 -18.80 -25.12
CA TRP A 154 26.44 -17.99 -26.33
C TRP A 154 26.70 -18.83 -27.58
N LYS A 155 27.53 -19.86 -27.48
CA LYS A 155 27.73 -20.72 -28.65
C LYS A 155 26.53 -21.62 -28.86
N ASP A 156 25.84 -22.01 -27.78
CA ASP A 156 24.62 -22.80 -27.90
C ASP A 156 23.52 -22.01 -28.60
N ALA A 157 23.43 -20.71 -28.30
CA ALA A 157 22.34 -19.89 -28.81
C ALA A 157 22.37 -19.74 -30.33
N GLU A 158 23.51 -20.04 -30.95
CA GLU A 158 23.62 -19.97 -32.40
C GLU A 158 22.75 -20.99 -33.11
N GLN A 159 22.28 -22.00 -32.39
CA GLN A 159 21.46 -23.06 -32.96
C GLN A 159 19.97 -22.72 -32.97
N LEU A 160 19.60 -21.56 -32.43
CA LEU A 160 18.20 -21.18 -32.33
C LEU A 160 17.67 -20.76 -33.69
N SER A 161 16.46 -21.22 -34.00
CA SER A 161 15.72 -20.66 -35.12
C SER A 161 15.01 -19.41 -34.63
N VAL A 162 15.09 -18.33 -35.40
CA VAL A 162 14.61 -17.03 -34.96
C VAL A 162 13.45 -16.61 -35.84
N GLU A 163 12.36 -16.21 -35.21
CA GLU A 163 11.16 -15.74 -35.88
C GLU A 163 10.72 -14.45 -35.23
N THR A 164 9.93 -13.66 -35.95
CA THR A 164 9.36 -12.46 -35.39
C THR A 164 8.12 -12.83 -34.59
N GLU A 165 8.06 -12.38 -33.33
CA GLU A 165 6.83 -12.46 -32.56
C GLU A 165 6.00 -11.20 -32.77
N VAL A 166 6.61 -10.05 -32.56
CA VAL A 166 6.00 -8.76 -32.82
C VAL A 166 7.13 -7.76 -32.97
N ARG A 167 6.91 -6.74 -33.79
CA ARG A 167 7.92 -5.71 -33.98
C ARG A 167 7.26 -4.35 -34.05
N PHE A 168 8.00 -3.33 -33.60
CA PHE A 168 7.50 -1.97 -33.54
C PHE A 168 8.41 -0.98 -34.26
N ASP A 169 9.50 -1.45 -34.87
CA ASP A 169 10.49 -0.56 -35.46
C ASP A 169 10.01 0.09 -36.75
N ASN A 170 8.89 -0.35 -37.30
CA ASN A 170 8.31 0.27 -38.50
C ASN A 170 7.34 1.40 -38.15
N LEU A 171 7.18 1.70 -36.87
CA LEU A 171 6.27 2.74 -36.40
C LEU A 171 7.00 4.02 -36.00
N GLY A 172 8.32 4.06 -36.12
CA GLY A 172 9.09 5.26 -35.80
C GLY A 172 8.89 5.68 -34.37
N LYS A 173 8.45 6.92 -34.17
CA LYS A 173 8.28 7.47 -32.84
C LYS A 173 6.96 7.03 -32.21
N ARG A 174 6.24 6.12 -32.87
CA ARG A 174 5.00 5.57 -32.36
C ARG A 174 5.14 4.09 -31.99
N GLY A 175 6.38 3.57 -31.95
CA GLY A 175 6.56 2.17 -31.63
C GLY A 175 6.14 1.84 -30.21
N GLN A 176 6.41 2.75 -29.28
CA GLN A 176 6.06 2.51 -27.89
C GLN A 176 4.56 2.64 -27.64
N ASP A 177 3.82 3.31 -28.51
CA ASP A 177 2.37 3.24 -28.46
C ASP A 177 1.90 1.80 -28.62
N ALA A 178 2.42 1.11 -29.65
CA ALA A 178 2.03 -0.26 -29.89
C ALA A 178 2.60 -1.20 -28.85
N MET A 179 3.82 -0.94 -28.39
CA MET A 179 4.41 -1.77 -27.33
C MET A 179 3.56 -1.72 -26.07
N ASN A 180 3.11 -0.52 -25.68
CA ASN A 180 2.23 -0.39 -24.52
C ASN A 180 0.92 -1.15 -24.74
N SER A 181 0.32 -0.99 -25.92
CA SER A 181 -0.94 -1.67 -26.23
C SER A 181 -0.75 -3.18 -26.32
N TYR A 182 0.39 -3.62 -26.86
CA TYR A 182 0.65 -5.06 -26.96
C TYR A 182 0.88 -5.68 -25.59
N MET A 183 1.55 -4.96 -24.69
CA MET A 183 1.80 -5.48 -23.35
C MET A 183 0.50 -5.58 -22.54
N ASN A 184 -0.39 -4.60 -22.67
CA ASN A 184 -1.66 -4.64 -21.96
C ASN A 184 -2.54 -5.79 -22.42
N MET A 185 -2.32 -6.32 -23.63
CA MET A 185 -3.10 -7.43 -24.16
C MET A 185 -3.04 -8.65 -23.26
N ALA A 186 -2.04 -8.72 -22.36
CA ALA A 186 -2.01 -9.83 -21.41
C ALA A 186 -3.20 -9.80 -20.46
N ASN A 187 -3.86 -8.65 -20.35
CA ASN A 187 -5.05 -8.51 -19.52
C ASN A 187 -6.34 -8.73 -20.29
N CYS A 188 -6.28 -8.91 -21.61
CA CYS A 188 -7.51 -8.98 -22.39
C CYS A 188 -7.98 -10.44 -22.53
N PRO A 189 -9.30 -10.64 -22.55
CA PRO A 189 -9.87 -12.00 -22.58
C PRO A 189 -9.17 -12.98 -23.53
N SER A 190 -8.86 -14.16 -23.00
CA SER A 190 -8.25 -15.27 -23.75
C SER A 190 -6.83 -14.90 -24.18
N SER A 199 -9.66 -11.64 -12.27
CA SER A 199 -9.10 -10.54 -11.49
C SER A 199 -9.76 -9.22 -11.86
N PRO A 200 -10.40 -8.59 -10.88
CA PRO A 200 -11.08 -7.31 -11.16
C PRO A 200 -10.13 -6.18 -11.52
N GLY A 201 -8.92 -6.16 -10.94
CA GLY A 201 -8.05 -5.00 -11.11
C GLY A 201 -7.30 -4.97 -12.42
N LYS A 202 -7.10 -6.11 -13.06
CA LYS A 202 -6.42 -6.15 -14.34
C LYS A 202 -7.39 -5.66 -15.41
N ILE A 203 -7.06 -4.53 -16.04
CA ILE A 203 -7.95 -3.87 -16.98
C ILE A 203 -7.43 -4.10 -18.40
N CYS A 204 -8.33 -4.51 -19.30
CA CYS A 204 -8.02 -4.59 -20.71
C CYS A 204 -8.31 -3.23 -21.34
N LEU A 205 -7.33 -2.69 -22.07
CA LEU A 205 -7.41 -1.36 -22.65
C LEU A 205 -7.63 -1.40 -24.16
N SER A 206 -8.22 -2.49 -24.66
CA SER A 206 -8.39 -2.67 -26.10
C SER A 206 -9.28 -1.60 -26.72
N LYS A 207 -10.08 -0.88 -25.93
CA LYS A 207 -10.94 0.15 -26.48
C LYS A 207 -10.22 1.46 -26.76
N ILE A 208 -8.92 1.55 -26.46
CA ILE A 208 -8.15 2.77 -26.69
C ILE A 208 -7.19 2.53 -27.84
N ASN A 209 -7.33 3.33 -28.90
CA ASN A 209 -6.37 3.37 -29.99
C ASN A 209 -5.56 4.65 -29.81
N TRP A 210 -4.29 4.50 -29.48
CA TRP A 210 -3.46 5.66 -29.15
C TRP A 210 -3.33 6.62 -30.33
N LYS A 211 -3.36 6.11 -31.56
CA LYS A 211 -3.34 7.01 -32.70
C LYS A 211 -4.63 7.82 -32.80
N ASN A 212 -5.76 7.23 -32.40
CA ASN A 212 -7.00 7.99 -32.34
C ASN A 212 -6.94 9.06 -31.26
N VAL A 213 -6.41 8.71 -30.08
CA VAL A 213 -6.33 9.67 -28.99
C VAL A 213 -5.51 10.88 -29.40
N ARG A 214 -4.37 10.66 -30.07
CA ARG A 214 -3.55 11.77 -30.52
C ARG A 214 -4.28 12.60 -31.56
N GLU A 215 -4.95 11.94 -32.52
CA GLU A 215 -5.64 12.66 -33.58
C GLU A 215 -6.85 13.42 -33.04
N LYS A 216 -7.64 12.79 -32.17
CA LYS A 216 -8.84 13.42 -31.65
C LYS A 216 -8.50 14.55 -30.68
N ALA A 217 -7.48 14.37 -29.85
CA ALA A 217 -7.09 15.42 -28.92
C ALA A 217 -6.49 16.62 -29.66
N ASP A 218 -5.77 16.36 -30.76
CA ASP A 218 -5.26 17.46 -31.56
C ASP A 218 -6.40 18.22 -32.23
N ALA A 219 -7.41 17.49 -32.71
CA ALA A 219 -8.57 18.14 -33.30
C ALA A 219 -9.38 18.91 -32.26
N LEU A 220 -9.61 18.30 -31.09
CA LEU A 220 -10.42 18.94 -30.06
C LEU A 220 -9.79 20.23 -29.57
N THR A 221 -8.51 20.18 -29.20
CA THR A 221 -7.85 21.38 -28.70
C THR A 221 -7.77 22.46 -29.76
N LYS A 222 -7.64 22.06 -31.03
CA LYS A 222 -7.60 23.04 -32.10
C LYS A 222 -8.94 23.75 -32.24
N LYS A 223 -10.04 22.99 -32.20
CA LYS A 223 -11.35 23.59 -32.31
C LYS A 223 -11.61 24.57 -31.17
N VAL A 224 -11.10 24.27 -29.98
CA VAL A 224 -11.29 25.17 -28.85
C VAL A 224 -10.48 26.45 -29.03
N HIS A 225 -9.17 26.32 -29.24
CA HIS A 225 -8.33 27.51 -29.33
C HIS A 225 -8.53 28.29 -30.62
N ALA A 226 -9.22 27.72 -31.61
CA ALA A 226 -9.63 28.48 -32.78
C ALA A 226 -10.93 29.25 -32.56
N ASP A 227 -11.55 29.07 -31.39
CA ASP A 227 -12.79 29.76 -31.02
C ASP A 227 -12.40 31.07 -30.35
N LYS A 228 -12.24 32.12 -31.16
CA LYS A 228 -11.79 33.41 -30.63
C LYS A 228 -12.77 33.94 -29.58
N GLU A 229 -14.07 33.78 -29.81
CA GLU A 229 -15.06 34.22 -28.83
C GLU A 229 -14.82 33.54 -27.48
N PHE A 230 -14.69 32.22 -27.47
CA PHE A 230 -14.47 31.49 -26.23
C PHE A 230 -13.09 31.79 -25.65
N MET A 231 -12.06 31.87 -26.50
CA MET A 231 -10.70 32.10 -26.01
C MET A 231 -10.53 33.47 -25.35
N ASP A 232 -11.24 34.48 -25.85
CA ASP A 232 -11.16 35.80 -25.21
C ASP A 232 -11.77 35.77 -23.82
N LYS A 233 -12.90 35.09 -23.67
CA LYS A 233 -13.51 34.91 -22.35
C LYS A 233 -12.57 34.17 -21.41
N LEU A 234 -11.73 33.28 -21.95
CA LEU A 234 -10.74 32.60 -21.12
C LEU A 234 -9.62 33.51 -20.64
N SER A 235 -9.45 34.68 -21.27
CA SER A 235 -8.44 35.63 -20.80
C SER A 235 -8.87 36.36 -19.54
N THR A 236 -10.16 36.35 -19.21
CA THR A 236 -10.62 36.96 -17.97
C THR A 236 -10.24 36.09 -16.77
N HIS A 237 -10.51 34.79 -16.87
CA HIS A 237 -10.13 33.87 -15.81
C HIS A 237 -8.63 33.86 -15.60
N HIS A 238 -7.86 33.77 -16.68
CA HIS A 238 -6.41 33.84 -16.61
C HIS A 238 -5.85 34.42 -17.90
N GLN A 239 -4.85 35.28 -17.76
CA GLN A 239 -4.11 35.83 -18.88
C GLN A 239 -2.80 35.09 -19.02
N ARG A 240 -2.46 34.69 -20.25
CA ARG A 240 -1.27 33.89 -20.50
C ARG A 240 -0.02 34.62 -20.04
N GLY A 241 0.83 33.90 -19.29
CA GLY A 241 2.07 34.46 -18.81
C GLY A 241 2.01 35.04 -17.42
N GLU A 242 0.81 35.26 -16.89
CA GLU A 242 0.62 35.84 -15.57
C GLU A 242 0.85 34.79 -14.48
N ALA A 243 1.09 35.29 -13.27
CA ALA A 243 1.38 34.45 -12.11
C ALA A 243 0.26 33.44 -11.89
N PRO A 244 0.56 32.13 -11.98
CA PRO A 244 -0.52 31.14 -11.80
C PRO A 244 -0.77 30.83 -10.34
N SER A 245 -2.04 30.90 -9.92
CA SER A 245 -2.42 30.51 -8.57
C SER A 245 -3.32 29.29 -8.62
N VAL A 246 -3.47 28.65 -7.46
CA VAL A 246 -4.35 27.48 -7.37
C VAL A 246 -5.80 27.89 -7.63
N GLU A 247 -6.21 29.05 -7.11
CA GLU A 247 -7.56 29.54 -7.36
C GLU A 247 -7.78 29.88 -8.83
N LYS A 248 -6.84 30.62 -9.42
CA LYS A 248 -6.96 30.98 -10.84
C LYS A 248 -6.94 29.74 -11.72
N THR A 249 -6.09 28.77 -11.40
CA THR A 249 -6.00 27.57 -12.22
C THR A 249 -7.26 26.72 -12.11
N THR A 250 -7.89 26.71 -10.93
CA THR A 250 -9.13 25.95 -10.77
C THR A 250 -10.26 26.58 -11.59
N ALA A 251 -10.35 27.92 -11.59
CA ALA A 251 -11.37 28.58 -12.39
C ALA A 251 -11.09 28.41 -13.88
N LEU A 252 -9.82 28.37 -14.25
CA LEU A 252 -9.45 28.10 -15.64
C LEU A 252 -9.87 26.70 -16.05
N HIS A 253 -9.72 25.74 -15.14
CA HIS A 253 -10.16 24.37 -15.38
C HIS A 253 -11.67 24.30 -15.59
N ASN A 254 -12.45 24.96 -14.73
CA ASN A 254 -13.90 24.90 -14.85
C ASN A 254 -14.40 25.70 -16.02
N ALA A 255 -13.68 26.76 -16.42
CA ALA A 255 -14.06 27.50 -17.61
C ALA A 255 -13.87 26.67 -18.87
N LEU A 256 -12.78 25.90 -18.94
CA LEU A 256 -12.55 25.03 -20.08
C LEU A 256 -13.58 23.92 -20.12
N LEU A 257 -13.94 23.37 -18.96
CA LEU A 257 -14.91 22.29 -18.88
C LEU A 257 -16.29 22.71 -19.35
N GLU A 258 -16.58 24.01 -19.37
CA GLU A 258 -17.89 24.48 -19.80
C GLU A 258 -18.06 24.43 -21.31
N HIS A 259 -16.96 24.29 -22.05
CA HIS A 259 -17.03 24.24 -23.50
C HIS A 259 -17.79 22.99 -23.95
N GLU A 260 -18.52 23.13 -25.05
CA GLU A 260 -19.31 22.03 -25.58
C GLU A 260 -18.48 20.78 -25.83
N SER A 261 -17.21 20.96 -26.24
CA SER A 261 -16.36 19.83 -26.59
C SER A 261 -15.97 18.98 -25.38
N PHE A 262 -16.25 19.44 -24.16
CA PHE A 262 -15.91 18.71 -22.95
C PHE A 262 -17.16 18.21 -22.22
N SER A 263 -18.29 18.09 -22.94
CA SER A 263 -19.55 17.73 -22.30
C SER A 263 -19.55 16.29 -21.80
N ALA A 264 -18.81 15.39 -22.44
CA ALA A 264 -18.81 14.00 -22.02
C ALA A 264 -18.03 13.79 -20.72
N LEU A 265 -17.15 14.73 -20.36
CA LEU A 265 -16.32 14.63 -19.17
C LEU A 265 -16.73 15.61 -18.07
N LYS A 266 -17.53 16.63 -18.41
CA LYS A 266 -17.87 17.67 -17.45
C LYS A 266 -18.52 17.09 -16.19
N GLY A 267 -19.54 16.24 -16.36
CA GLY A 267 -20.19 15.65 -15.20
C GLY A 267 -19.26 14.83 -14.33
N ALA A 268 -18.53 13.90 -14.95
CA ALA A 268 -17.67 13.00 -14.18
C ALA A 268 -16.49 13.73 -13.54
N ARG A 269 -16.00 14.79 -14.17
CA ARG A 269 -14.91 15.56 -13.58
C ARG A 269 -15.39 16.37 -12.38
N ALA A 270 -16.57 17.00 -12.51
CA ALA A 270 -17.09 17.83 -11.43
C ALA A 270 -17.43 17.01 -10.19
N SER A 271 -17.74 15.73 -10.36
CA SER A 271 -18.15 14.90 -9.24
C SER A 271 -17.02 14.08 -8.63
N GLY A 272 -15.90 13.94 -9.32
CA GLY A 272 -14.81 13.12 -8.85
C GLY A 272 -14.81 11.70 -9.37
N LYS A 273 -15.75 11.35 -10.25
CA LYS A 273 -15.75 10.01 -10.84
C LYS A 273 -14.51 9.81 -11.68
N VAL A 274 -14.12 10.81 -12.47
CA VAL A 274 -12.91 10.78 -13.27
C VAL A 274 -12.08 12.00 -12.90
N GLY A 275 -11.05 11.79 -12.09
CA GLY A 275 -10.18 12.87 -11.65
C GLY A 275 -10.87 13.85 -10.71
N ALA A 276 -10.32 15.06 -10.67
CA ALA A 276 -10.88 16.12 -9.83
C ALA A 276 -10.30 17.45 -10.29
N ALA A 277 -11.13 18.49 -10.25
CA ALA A 277 -10.68 19.83 -10.66
C ALA A 277 -9.49 20.28 -9.83
N ALA A 278 -9.43 19.91 -8.55
CA ALA A 278 -8.31 20.31 -7.71
C ALA A 278 -7.03 19.56 -8.08
N SER A 279 -7.17 18.34 -8.60
CA SER A 279 -5.99 17.58 -9.01
C SER A 279 -5.40 18.14 -10.30
N THR A 280 -6.26 18.49 -11.26
CA THR A 280 -5.78 19.10 -12.50
C THR A 280 -5.22 20.49 -12.23
N ALA A 281 -5.82 21.23 -11.29
CA ALA A 281 -5.36 22.58 -11.01
C ALA A 281 -4.01 22.59 -10.30
N ALA A 282 -3.81 21.66 -9.37
CA ALA A 282 -2.53 21.59 -8.68
C ALA A 282 -1.40 21.24 -9.64
N TRP A 283 -1.67 20.36 -10.59
CA TRP A 283 -0.67 19.97 -11.58
C TRP A 283 -0.37 21.11 -12.54
N GLY A 284 -1.38 21.90 -12.90
CA GLY A 284 -1.16 23.05 -13.77
C GLY A 284 -0.24 24.08 -13.16
N VAL A 285 -0.44 24.38 -11.87
CA VAL A 285 0.45 25.32 -11.17
C VAL A 285 1.87 24.76 -11.13
N ALA A 286 2.02 23.47 -10.82
CA ALA A 286 3.34 22.87 -10.74
C ALA A 286 4.02 22.81 -12.10
N VAL A 287 3.26 22.63 -13.17
CA VAL A 287 3.84 22.64 -14.52
C VAL A 287 4.30 24.05 -14.86
N ALA A 288 3.52 25.07 -14.48
CA ALA A 288 3.89 26.44 -14.77
C ALA A 288 5.13 26.86 -14.00
N GLN A 289 5.25 26.43 -12.73
CA GLN A 289 6.45 26.75 -11.97
C GLN A 289 7.67 26.03 -12.53
N ALA A 290 7.49 24.78 -12.97
CA ALA A 290 8.61 24.02 -13.50
C ALA A 290 9.14 24.62 -14.79
N PHE A 291 8.30 25.29 -15.57
CA PHE A 291 8.74 25.92 -16.81
C PHE A 291 9.35 27.30 -16.59
N THR A 292 9.45 27.77 -15.34
CA THR A 292 10.22 28.95 -15.05
C THR A 292 11.72 28.68 -15.01
N ASP A 293 12.09 27.40 -15.04
CA ASP A 293 13.48 26.98 -15.16
C ASP A 293 14.08 27.59 -16.42
N PRO A 294 15.13 28.42 -16.32
CA PRO A 294 15.74 29.01 -17.52
C PRO A 294 16.10 28.01 -18.60
N LYS A 295 16.49 26.80 -18.23
CA LYS A 295 16.88 25.79 -19.20
C LYS A 295 15.72 25.04 -19.82
N ALA A 296 14.51 25.19 -19.30
CA ALA A 296 13.37 24.49 -19.87
C ALA A 296 12.88 25.22 -21.12
N ASP A 297 12.14 24.49 -21.94
CA ASP A 297 11.56 25.05 -23.16
C ASP A 297 10.24 24.33 -23.45
N ALA A 298 9.14 25.08 -23.44
CA ALA A 298 7.83 24.47 -23.57
C ALA A 298 7.57 23.95 -24.98
N LEU A 299 8.19 24.54 -26.01
CA LEU A 299 7.89 24.12 -27.37
C LEU A 299 8.82 23.02 -27.87
N THR A 300 10.11 23.10 -27.55
CA THR A 300 11.09 22.17 -28.11
C THR A 300 11.58 21.13 -27.13
N LYS A 301 11.30 21.29 -25.84
CA LYS A 301 11.78 20.38 -24.80
C LYS A 301 10.68 20.08 -23.79
N THR A 302 9.46 19.89 -24.29
CA THR A 302 8.30 19.70 -23.43
C THR A 302 8.43 18.46 -22.56
N ALA A 303 8.82 17.33 -23.16
CA ALA A 303 8.93 16.09 -22.40
C ALA A 303 9.89 16.23 -21.23
N ALA A 304 10.96 17.01 -21.40
CA ALA A 304 11.96 17.17 -20.34
C ALA A 304 11.34 17.68 -19.05
N THR A 305 10.41 18.63 -19.15
CA THR A 305 9.80 19.21 -17.96
C THR A 305 8.61 18.40 -17.46
N LEU A 306 7.67 18.05 -18.35
CA LEU A 306 6.49 17.29 -17.93
C LEU A 306 6.86 15.95 -17.29
N SER A 307 8.02 15.40 -17.65
CA SER A 307 8.43 14.11 -17.09
C SER A 307 8.77 14.18 -15.61
N VAL A 308 9.07 15.36 -15.08
CA VAL A 308 9.53 15.49 -13.71
C VAL A 308 8.59 16.34 -12.86
N VAL A 309 7.34 16.47 -13.27
CA VAL A 309 6.32 17.21 -12.53
C VAL A 309 5.34 16.21 -11.94
N PRO A 310 5.13 16.21 -10.61
CA PRO A 310 4.28 15.20 -9.99
C PRO A 310 2.82 15.29 -10.41
N GLY A 311 2.14 14.15 -10.31
CA GLY A 311 0.70 14.08 -10.38
C GLY A 311 0.07 14.24 -11.75
N LEU A 312 0.72 13.77 -12.80
CA LEU A 312 0.11 13.81 -14.13
C LEU A 312 -1.08 12.85 -14.23
N GLY A 313 -0.96 11.67 -13.60
CA GLY A 313 -2.06 10.70 -13.66
C GLY A 313 -3.34 11.25 -13.06
N GLN A 314 -3.25 11.83 -11.87
CA GLN A 314 -4.44 12.40 -11.24
C GLN A 314 -4.91 13.69 -11.91
N ALA A 315 -4.02 14.37 -12.64
CA ALA A 315 -4.45 15.54 -13.41
C ALA A 315 -5.29 15.12 -14.61
N LEU A 316 -5.19 13.84 -15.00
CA LEU A 316 -6.00 13.27 -16.06
C LEU A 316 -7.10 12.38 -15.51
N GLY A 317 -6.98 11.92 -14.28
CA GLY A 317 -7.89 10.91 -13.76
C GLY A 317 -7.75 9.60 -14.53
N ILE A 318 -6.52 9.27 -14.93
CA ILE A 318 -6.30 8.18 -15.87
C ILE A 318 -6.78 6.85 -15.30
N ALA A 319 -6.58 6.62 -14.00
CA ALA A 319 -7.04 5.37 -13.39
C ALA A 319 -8.56 5.26 -13.43
N ASP A 320 -9.25 6.40 -13.39
CA ASP A 320 -10.70 6.38 -13.53
C ASP A 320 -11.11 6.31 -14.99
N GLY A 321 -10.46 7.08 -15.86
CA GLY A 321 -10.84 7.14 -17.26
C GLY A 321 -10.75 5.81 -17.99
N ILE A 322 -9.82 4.94 -17.58
CA ILE A 322 -9.68 3.66 -18.27
C ILE A 322 -10.71 2.64 -17.83
N LYS A 323 -11.50 2.94 -16.80
CA LYS A 323 -12.59 2.07 -16.38
C LYS A 323 -13.94 2.57 -16.86
N HIS A 324 -13.98 3.75 -17.49
CA HIS A 324 -15.23 4.34 -17.94
C HIS A 324 -15.77 3.61 -19.16
N GLU A 325 -17.09 3.63 -19.31
CA GLU A 325 -17.71 3.01 -20.48
C GLU A 325 -17.27 3.72 -21.77
N ASN A 326 -17.25 5.05 -21.74
CA ASN A 326 -16.81 5.86 -22.88
C ASN A 326 -15.32 6.17 -22.75
N THR A 327 -14.53 5.10 -22.68
CA THR A 327 -13.12 5.19 -22.31
C THR A 327 -12.36 6.15 -23.23
N GLU A 328 -12.33 5.86 -24.53
CA GLU A 328 -11.50 6.65 -25.44
C GLU A 328 -11.88 8.14 -25.41
N GLU A 329 -13.18 8.44 -25.43
CA GLU A 329 -13.61 9.83 -25.40
C GLU A 329 -13.23 10.51 -24.09
N ILE A 330 -13.46 9.84 -22.96
CA ILE A 330 -13.07 10.41 -21.68
C ILE A 330 -11.57 10.68 -21.65
N VAL A 331 -10.77 9.73 -22.13
CA VAL A 331 -9.33 9.91 -22.15
C VAL A 331 -8.92 11.02 -23.11
N VAL A 332 -9.55 11.07 -24.29
CA VAL A 332 -9.25 12.13 -25.24
C VAL A 332 -9.60 13.49 -24.64
N GLN A 333 -10.76 13.59 -24.00
CA GLN A 333 -11.19 14.85 -23.43
C GLN A 333 -10.34 15.23 -22.22
N SER A 334 -9.89 14.23 -21.45
CA SER A 334 -9.07 14.52 -20.27
C SER A 334 -7.70 15.04 -20.67
N ILE A 335 -7.12 14.50 -21.73
CA ILE A 335 -5.81 14.95 -22.19
C ILE A 335 -5.92 16.32 -22.84
N SER A 336 -6.99 16.55 -23.60
CA SER A 336 -7.18 17.83 -24.28
C SER A 336 -7.27 18.98 -23.27
N LEU A 337 -8.04 18.79 -22.20
CA LEU A 337 -8.21 19.87 -21.23
C LEU A 337 -6.91 20.20 -20.52
N ALA A 338 -6.14 19.18 -20.13
CA ALA A 338 -4.88 19.42 -19.44
C ALA A 338 -3.88 20.13 -20.34
N GLY A 339 -3.92 19.84 -21.64
CA GLY A 339 -3.01 20.54 -22.55
C GLY A 339 -3.37 22.00 -22.70
N LEU A 340 -4.65 22.30 -22.91
CA LEU A 340 -5.10 23.69 -23.00
C LEU A 340 -4.86 24.43 -21.70
N LEU A 341 -5.12 23.78 -20.56
CA LEU A 341 -4.90 24.42 -19.27
C LEU A 341 -3.43 24.71 -19.04
N ALA A 342 -2.56 23.74 -19.36
CA ALA A 342 -1.12 23.95 -19.17
C ALA A 342 -0.61 25.03 -20.11
N ALA A 343 -1.05 25.03 -21.36
CA ALA A 343 -0.60 26.05 -22.31
C ALA A 343 -1.05 27.44 -21.86
N GLN A 344 -2.20 27.53 -21.21
CA GLN A 344 -2.68 28.82 -20.73
C GLN A 344 -1.90 29.30 -19.52
N ALA A 345 -1.38 28.37 -18.71
CA ALA A 345 -0.73 28.72 -17.45
C ALA A 345 0.78 28.84 -17.57
N ILE A 346 1.39 28.30 -18.61
CA ILE A 346 2.85 28.23 -18.68
C ILE A 346 3.42 29.64 -18.81
N PRO A 347 4.46 29.98 -18.04
CA PRO A 347 5.05 31.32 -18.11
C PRO A 347 5.51 31.71 -19.51
N VAL A 348 5.29 32.98 -19.85
CA VAL A 348 5.72 33.57 -21.11
C VAL A 348 6.81 34.58 -20.80
N VAL A 349 8.04 34.29 -21.24
CA VAL A 349 9.17 35.20 -21.07
C VAL A 349 9.69 35.57 -22.46
N GLY A 350 9.68 36.87 -22.76
CA GLY A 350 10.11 37.35 -24.05
C GLY A 350 9.02 37.22 -25.09
N GLU A 351 9.41 36.79 -26.29
CA GLU A 351 8.43 36.54 -27.35
C GLU A 351 7.73 35.23 -27.09
N ALA A 352 6.40 35.27 -27.07
CA ALA A 352 5.61 34.08 -26.77
C ALA A 352 5.63 33.09 -27.94
N VAL A 353 5.62 31.81 -27.60
CA VAL A 353 5.53 30.78 -28.64
C VAL A 353 4.10 30.75 -29.18
N ASP A 354 3.96 30.24 -30.40
CA ASP A 354 2.64 30.10 -30.99
C ASP A 354 1.76 29.24 -30.10
N PHE A 355 0.61 29.79 -29.70
CA PHE A 355 -0.25 29.09 -28.75
C PHE A 355 -0.70 27.74 -29.29
N GLY A 356 -1.03 27.69 -30.59
CA GLY A 356 -1.45 26.43 -31.18
C GLY A 356 -0.36 25.37 -31.14
N LEU A 357 0.88 25.76 -31.46
CA LEU A 357 1.99 24.82 -31.43
C LEU A 357 2.30 24.37 -30.02
N LEU A 358 2.11 25.25 -29.03
CA LEU A 358 2.33 24.88 -27.64
C LEU A 358 1.28 23.86 -27.18
N VAL A 359 0.02 24.07 -27.54
CA VAL A 359 -1.02 23.11 -27.21
C VAL A 359 -0.76 21.79 -27.91
N TYR A 360 -0.30 21.84 -29.17
CA TYR A 360 0.03 20.62 -29.90
C TYR A 360 1.12 19.84 -29.19
N GLN A 361 2.21 20.52 -28.85
CA GLN A 361 3.33 19.85 -28.20
C GLN A 361 2.96 19.36 -26.82
N LEU A 362 2.13 20.12 -26.09
CA LEU A 362 1.69 19.69 -24.77
C LEU A 362 0.79 18.46 -24.86
N VAL A 363 -0.11 18.44 -25.85
CA VAL A 363 -1.00 17.29 -26.02
C VAL A 363 -0.21 16.04 -26.35
N GLU A 364 0.73 16.14 -27.30
CA GLU A 364 1.52 14.97 -27.68
C GLU A 364 2.37 14.47 -26.52
N THR A 365 2.99 15.40 -25.76
CA THR A 365 3.79 14.99 -24.62
C THR A 365 2.96 14.26 -23.58
N ILE A 366 1.74 14.75 -23.32
CA ILE A 366 0.88 14.10 -22.35
C ILE A 366 0.52 12.69 -22.81
N VAL A 367 0.26 12.52 -24.11
CA VAL A 367 -0.03 11.19 -24.63
C VAL A 367 1.22 10.31 -24.57
N ASP A 368 2.40 10.89 -24.83
CA ASP A 368 3.64 10.12 -24.72
C ASP A 368 3.80 9.53 -23.34
N LEU A 369 3.33 10.24 -22.31
CA LEU A 369 3.44 9.81 -20.93
C LEU A 369 2.25 8.98 -20.49
N ALA A 370 1.05 9.32 -20.97
CA ALA A 370 -0.17 8.63 -20.53
C ALA A 370 -0.18 7.16 -20.92
N THR A 371 0.40 6.82 -22.07
CA THR A 371 0.44 5.43 -22.52
C THR A 371 1.09 4.53 -21.46
N HIS A 372 2.29 4.91 -21.02
CA HIS A 372 2.99 4.14 -20.00
C HIS A 372 2.22 4.14 -18.68
N LEU A 373 1.66 5.30 -18.30
CA LEU A 373 0.91 5.40 -17.05
C LEU A 373 -0.35 4.54 -17.08
N SER A 374 -1.07 4.55 -18.21
CA SER A 374 -2.28 3.75 -18.32
C SER A 374 -1.97 2.27 -18.24
N SER A 375 -0.82 1.84 -18.77
CA SER A 375 -0.43 0.44 -18.67
C SER A 375 -0.22 0.04 -17.22
N ALA A 376 0.46 0.89 -16.44
CA ALA A 376 0.66 0.60 -15.02
C ALA A 376 -0.66 0.68 -14.26
N ALA A 377 -1.55 1.60 -14.64
CA ALA A 377 -2.83 1.73 -13.97
C ALA A 377 -3.75 0.54 -14.24
N ALA A 378 -3.55 -0.19 -15.33
CA ALA A 378 -4.37 -1.33 -15.67
C ALA A 378 -3.96 -2.58 -14.91
N ASN A 379 -2.90 -2.48 -14.08
CA ASN A 379 -2.36 -3.63 -13.36
C ASN A 379 -2.51 -3.45 -11.86
N PRO A 380 -2.95 -4.49 -11.15
CA PRO A 380 -2.98 -4.40 -9.69
C PRO A 380 -1.59 -4.30 -9.10
N PRO A 381 -1.44 -3.68 -7.93
CA PRO A 381 -0.14 -3.65 -7.25
C PRO A 381 0.44 -5.04 -7.02
N THR A 382 1.77 -5.15 -7.15
CA THR A 382 2.47 -6.39 -6.85
C THR A 382 3.65 -6.24 -5.89
N GLU A 383 4.07 -5.01 -5.57
CA GLU A 383 5.30 -4.79 -4.81
C GLU A 383 4.99 -4.41 -3.37
N ALA A 384 5.82 -4.86 -2.45
CA ALA A 384 5.63 -4.55 -1.04
C ALA A 384 5.81 -3.06 -0.79
N THR A 385 5.10 -2.56 0.22
CA THR A 385 5.26 -1.18 0.68
C THR A 385 6.12 -1.07 1.91
N ASP A 386 6.32 -2.18 2.64
CA ASP A 386 7.14 -2.18 3.84
C ASP A 386 8.62 -2.21 3.45
N SER A 387 9.42 -1.37 4.09
CA SER A 387 10.85 -1.31 3.82
C SER A 387 11.62 -1.00 5.10
N VAL A 388 12.93 -1.21 5.04
CA VAL A 388 13.83 -0.96 6.17
C VAL A 388 14.45 0.41 6.02
N ARG A 389 14.31 1.23 7.06
CA ARG A 389 14.86 2.58 7.11
C ARG A 389 14.43 3.45 5.93
N PRO A 390 13.12 3.62 5.71
CA PRO A 390 12.67 4.52 4.63
C PRO A 390 13.18 5.93 4.83
N ALA A 391 13.45 6.61 3.72
CA ALA A 391 13.76 8.03 3.69
C ALA A 391 12.69 8.75 2.88
N VAL A 392 12.21 9.87 3.40
CA VAL A 392 11.11 10.58 2.79
C VAL A 392 11.53 12.02 2.51
N SER A 393 10.99 12.58 1.43
CA SER A 393 11.26 13.98 1.08
C SER A 393 10.25 14.45 0.04
N LEU A 394 9.41 15.41 0.43
CA LEU A 394 8.44 16.04 -0.47
C LEU A 394 7.60 14.99 -1.21
N GLY A 395 7.11 14.01 -0.46
CA GLY A 395 6.27 12.97 -1.00
C GLY A 395 7.01 11.74 -1.49
N LEU A 396 8.32 11.82 -1.66
CA LEU A 396 9.10 10.71 -2.18
C LEU A 396 9.60 9.85 -1.03
N ARG A 397 9.43 8.54 -1.15
CA ARG A 397 9.79 7.58 -0.11
C ARG A 397 10.58 6.43 -0.72
N ALA A 398 11.73 6.11 -0.11
CA ALA A 398 12.58 5.02 -0.56
C ALA A 398 13.15 4.28 0.64
N GLY A 399 13.10 2.95 0.58
CA GLY A 399 13.68 2.14 1.65
C GLY A 399 14.27 0.85 1.10
N TRP A 400 15.09 0.22 1.93
CA TRP A 400 15.69 -1.06 1.57
C TRP A 400 14.66 -2.17 1.67
N LYS A 401 14.66 -3.09 0.70
CA LYS A 401 13.74 -4.22 0.73
C LYS A 401 13.87 -5.00 2.03
N THR A 402 15.09 -5.40 2.36
CA THR A 402 15.38 -6.10 3.61
C THR A 402 16.68 -5.56 4.18
N GLU A 403 17.05 -6.05 5.37
CA GLU A 403 18.33 -5.67 5.95
C GLU A 403 19.50 -6.12 5.08
N GLU A 404 19.38 -7.30 4.45
CA GLU A 404 20.46 -7.81 3.62
C GLU A 404 20.68 -6.95 2.39
N ASP A 405 19.65 -6.23 1.95
CA ASP A 405 19.79 -5.38 0.77
C ASP A 405 20.64 -4.15 1.05
N ALA A 406 20.67 -3.69 2.30
CA ALA A 406 21.45 -2.51 2.64
C ALA A 406 22.91 -2.89 2.87
N LYS A 407 23.50 -3.61 1.93
CA LYS A 407 24.86 -4.10 2.03
C LYS A 407 25.45 -4.20 0.63
N LEU A 408 26.78 -4.14 0.56
CA LEU A 408 27.51 -4.40 -0.68
C LEU A 408 28.78 -5.16 -0.34
N HIS A 409 28.96 -6.33 -0.96
CA HIS A 409 30.11 -7.19 -0.69
C HIS A 409 31.11 -7.00 -1.83
N ILE A 410 32.23 -6.34 -1.54
CA ILE A 410 33.29 -6.13 -2.53
C ILE A 410 34.46 -7.08 -2.35
N GLY A 411 34.34 -8.04 -1.43
CA GLY A 411 35.36 -9.03 -1.21
C GLY A 411 34.81 -10.40 -1.51
N SER A 412 35.50 -11.46 -1.02
CA SER A 412 34.99 -12.81 -1.07
C SER A 412 34.88 -13.22 -2.53
N PRO A 413 33.92 -14.04 -3.00
CA PRO A 413 33.79 -14.16 -4.46
C PRO A 413 33.30 -12.88 -5.14
N TYR A 414 34.09 -12.41 -6.09
CA TYR A 414 33.76 -11.21 -6.83
C TYR A 414 32.74 -11.54 -7.92
N GLY A 415 31.93 -10.55 -8.26
CA GLY A 415 30.99 -10.75 -9.34
C GLY A 415 29.71 -9.95 -9.15
N MET A 416 28.61 -10.56 -9.57
CA MET A 416 27.31 -9.90 -9.63
C MET A 416 26.70 -9.76 -8.24
N LYS A 417 26.38 -8.54 -7.85
CA LYS A 417 25.71 -8.24 -6.60
C LYS A 417 24.36 -7.59 -6.90
N PHE A 418 23.49 -7.58 -5.89
CA PHE A 418 22.15 -7.01 -6.06
C PHE A 418 21.76 -6.16 -4.85
N GLN A 419 20.96 -5.14 -5.13
CA GLN A 419 20.40 -4.25 -4.11
C GLN A 419 18.98 -3.92 -4.52
N ARG A 420 18.01 -4.20 -3.65
CA ARG A 420 16.61 -3.93 -3.92
C ARG A 420 16.13 -2.80 -3.02
N ILE A 421 15.50 -1.79 -3.62
CA ILE A 421 15.03 -0.62 -2.90
C ILE A 421 13.55 -0.42 -3.21
N VAL A 422 12.75 -0.27 -2.15
CA VAL A 422 11.31 -0.05 -2.29
C VAL A 422 11.04 1.42 -2.54
N LEU A 423 10.31 1.71 -3.62
CA LEU A 423 10.01 3.07 -4.05
C LEU A 423 8.51 3.29 -4.01
N SER A 424 8.08 4.35 -3.33
CA SER A 424 6.67 4.69 -3.25
C SER A 424 6.55 6.21 -3.08
N ALA A 425 5.34 6.66 -2.81
CA ALA A 425 5.06 8.05 -2.52
C ALA A 425 4.19 8.12 -1.28
N GLU A 426 4.02 9.34 -0.76
CA GLU A 426 3.07 9.51 0.31
C GLU A 426 1.65 9.47 -0.26
N GLU A 427 0.69 9.16 0.59
CA GLU A 427 -0.70 9.02 0.15
C GLU A 427 -1.17 10.28 -0.57
N GLY A 428 -1.69 10.08 -1.78
CA GLY A 428 -2.18 11.14 -2.64
C GLY A 428 -1.16 11.74 -3.61
N LYS A 429 0.08 11.26 -3.59
CA LYS A 429 1.14 11.84 -4.42
C LYS A 429 1.57 10.89 -5.53
N GLU A 430 2.08 11.48 -6.62
CA GLU A 430 2.54 10.75 -7.81
C GLU A 430 3.91 11.33 -8.17
N ILE A 431 4.99 10.70 -7.75
CA ILE A 431 6.33 11.25 -7.88
C ILE A 431 7.03 10.54 -9.05
N PRO A 432 7.52 11.27 -10.05
CA PRO A 432 8.34 10.64 -11.09
C PRO A 432 9.64 10.08 -10.53
N PHE A 433 9.95 8.83 -10.88
CA PHE A 433 11.25 8.24 -10.58
C PHE A 433 12.17 8.57 -11.75
N VAL A 434 12.97 9.62 -11.59
CA VAL A 434 13.79 10.13 -12.69
C VAL A 434 15.05 9.27 -12.86
N ARG A 435 15.83 9.13 -11.81
CA ARG A 435 17.06 8.34 -11.91
C ARG A 435 17.59 8.01 -10.52
N ALA A 436 18.55 7.10 -10.49
CA ALA A 436 19.27 6.72 -9.28
C ALA A 436 20.76 6.94 -9.50
N ALA A 437 21.40 7.60 -8.53
CA ALA A 437 22.84 7.79 -8.53
C ALA A 437 23.48 6.76 -7.61
N VAL A 438 24.48 6.04 -8.14
CA VAL A 438 25.13 4.96 -7.41
C VAL A 438 26.63 5.16 -7.46
N ALA A 439 27.33 4.43 -6.59
CA ALA A 439 28.78 4.47 -6.52
C ALA A 439 29.40 3.40 -7.41
N VAL A 440 30.51 3.75 -8.06
CA VAL A 440 31.29 2.83 -8.88
C VAL A 440 32.76 3.18 -8.71
N ASP A 441 33.63 2.20 -8.98
CA ASP A 441 35.06 2.44 -9.03
C ASP A 441 35.64 1.67 -10.21
N SER A 442 36.29 2.40 -11.13
CA SER A 442 36.85 1.78 -12.31
C SER A 442 37.77 0.61 -11.99
N LYS A 443 38.35 0.61 -10.79
CA LYS A 443 39.26 -0.46 -10.41
C LYS A 443 38.50 -1.72 -9.96
N PHE A 444 37.37 -1.57 -9.26
CA PHE A 444 36.70 -2.77 -8.77
C PHE A 444 35.18 -2.76 -8.78
N LEU A 445 34.49 -1.65 -9.04
CA LEU A 445 33.04 -1.61 -8.96
C LEU A 445 32.44 -1.10 -10.27
N LYS A 446 31.58 -1.90 -10.89
CA LYS A 446 30.90 -1.54 -12.13
C LYS A 446 29.40 -1.60 -11.92
N ILE A 447 28.68 -0.65 -12.52
CA ILE A 447 27.23 -0.73 -12.58
C ILE A 447 26.84 -1.70 -13.70
N ASN A 448 25.84 -2.53 -13.43
CA ASN A 448 25.44 -3.61 -14.32
C ASN A 448 24.05 -3.33 -14.88
N GLY A 449 23.99 -2.37 -15.80
CA GLY A 449 22.75 -1.90 -16.39
C GLY A 449 21.84 -2.94 -17.00
N PRO A 450 22.35 -3.77 -17.93
CA PRO A 450 21.49 -4.78 -18.56
C PRO A 450 20.71 -5.64 -17.58
N ARG A 451 21.20 -5.81 -16.36
CA ARG A 451 20.56 -6.65 -15.37
C ARG A 451 19.91 -5.83 -14.26
N SER A 452 19.79 -4.52 -14.45
CA SER A 452 19.10 -3.64 -13.52
C SER A 452 17.72 -3.34 -14.08
N PHE A 453 16.72 -3.32 -13.19
CA PHE A 453 15.35 -3.08 -13.64
C PHE A 453 14.53 -2.55 -12.47
N VAL A 454 13.32 -2.11 -12.79
CA VAL A 454 12.34 -1.70 -11.80
C VAL A 454 11.03 -2.40 -12.13
N VAL A 455 10.39 -2.96 -11.10
CA VAL A 455 9.13 -3.68 -11.25
C VAL A 455 8.03 -2.87 -10.58
N GLN A 456 6.96 -2.59 -11.33
CA GLN A 456 5.81 -1.87 -10.81
C GLN A 456 4.55 -2.51 -11.37
N ASN A 457 3.67 -2.97 -10.49
CA ASN A 457 2.40 -3.57 -10.88
C ASN A 457 2.61 -4.69 -11.90
N GLY A 458 3.61 -5.53 -11.64
CA GLY A 458 3.90 -6.65 -12.51
C GLY A 458 4.66 -6.33 -13.77
N ILE A 459 4.87 -5.04 -14.08
CA ILE A 459 5.57 -4.63 -15.28
C ILE A 459 7.04 -4.44 -14.97
N LYS A 460 7.90 -5.06 -15.78
CA LYS A 460 9.35 -4.97 -15.65
C LYS A 460 9.88 -3.95 -16.63
N THR A 461 10.51 -2.89 -16.12
CA THR A 461 11.05 -1.81 -16.95
C THR A 461 12.57 -1.82 -16.92
N PRO A 462 13.23 -1.87 -18.07
CA PRO A 462 14.70 -1.86 -18.08
C PRO A 462 15.27 -0.54 -17.60
N MET A 463 16.51 -0.61 -17.09
CA MET A 463 17.27 0.55 -16.64
C MET A 463 18.41 0.84 -17.59
N ALA A 464 18.63 2.12 -17.88
CA ALA A 464 19.75 2.58 -18.69
C ALA A 464 20.74 3.33 -17.79
N CYS A 465 21.96 2.80 -17.69
CA CYS A 465 22.96 3.34 -16.79
C CYS A 465 24.12 3.97 -17.58
N PHE A 466 24.56 5.13 -17.10
CA PHE A 466 25.60 5.93 -17.73
C PHE A 466 26.68 6.24 -16.71
N GLU A 467 27.84 6.69 -17.19
CA GLU A 467 29.00 6.92 -16.34
C GLU A 467 29.33 8.40 -16.21
N THR A 468 29.48 8.86 -14.96
CA THR A 468 30.24 10.06 -14.67
C THR A 468 31.71 9.75 -14.49
N GLU A 469 32.02 8.53 -14.05
CA GLU A 469 33.38 8.07 -13.76
C GLU A 469 34.14 9.04 -12.86
N GLY A 470 33.41 9.67 -11.95
CA GLY A 470 33.98 10.38 -10.83
C GLY A 470 33.66 9.61 -9.57
N ASN A 471 33.53 8.29 -9.70
CA ASN A 471 33.12 7.34 -8.65
C ASN A 471 31.61 7.32 -8.46
N LEU A 472 30.85 7.86 -9.41
CA LEU A 472 29.40 7.87 -9.36
C LEU A 472 28.84 7.39 -10.69
N ALA A 473 27.66 6.77 -10.65
CA ALA A 473 26.96 6.37 -11.87
C ALA A 473 25.48 6.66 -11.73
N PHE A 474 24.84 6.95 -12.88
CA PHE A 474 23.43 7.29 -12.93
C PHE A 474 22.68 6.23 -13.72
N CYS A 475 21.54 5.80 -13.18
CA CYS A 475 20.69 4.80 -13.83
C CYS A 475 19.27 5.35 -13.91
N ARG A 476 18.68 5.33 -15.11
CA ARG A 476 17.34 5.85 -15.30
C ARG A 476 16.41 4.78 -15.86
N PRO A 477 15.14 4.75 -15.45
CA PRO A 477 14.17 3.85 -16.09
C PRO A 477 13.95 4.25 -17.54
N SER A 478 14.09 3.28 -18.44
CA SER A 478 13.88 3.51 -19.87
C SER A 478 12.45 3.89 -20.22
N ARG A 479 11.50 3.70 -19.31
CA ARG A 479 10.14 4.20 -19.52
C ARG A 479 9.71 5.00 -18.30
N PRO A 480 8.89 6.03 -18.49
CA PRO A 480 8.41 6.80 -17.34
C PRO A 480 7.85 5.93 -16.23
N ILE A 481 8.31 6.19 -15.01
CA ILE A 481 7.83 5.53 -13.81
C ILE A 481 7.34 6.62 -12.87
N PHE A 482 6.07 6.54 -12.48
CA PHE A 482 5.52 7.45 -11.47
C PHE A 482 5.15 6.65 -10.23
N LEU A 483 5.61 7.12 -9.07
CA LEU A 483 5.48 6.41 -7.81
C LEU A 483 4.25 6.90 -7.07
N SER A 484 3.49 5.95 -6.51
CA SER A 484 2.34 6.27 -5.68
C SER A 484 2.23 5.20 -4.60
N SER A 485 1.29 5.42 -3.68
CA SER A 485 1.03 4.41 -2.66
C SER A 485 0.37 3.17 -3.27
N SER A 486 -0.55 3.39 -4.22
CA SER A 486 -1.25 2.29 -4.88
C SER A 486 -0.41 1.59 -5.94
N SER A 487 0.72 2.18 -6.34
CA SER A 487 1.59 1.58 -7.37
C SER A 487 3.03 1.57 -6.89
N PRO A 488 3.33 0.82 -5.83
CA PRO A 488 4.71 0.75 -5.36
C PRO A 488 5.61 0.05 -6.37
N ALA A 489 6.87 0.48 -6.40
CA ALA A 489 7.86 -0.09 -7.30
C ALA A 489 9.04 -0.62 -6.51
N THR A 490 9.72 -1.60 -7.09
CA THR A 490 10.96 -2.14 -6.53
C THR A 490 12.08 -1.93 -7.53
N LEU A 491 13.09 -1.17 -7.14
CA LEU A 491 14.27 -0.96 -7.96
C LEU A 491 15.28 -2.07 -7.68
N HIS A 492 15.70 -2.78 -8.72
CA HIS A 492 16.71 -3.82 -8.63
C HIS A 492 18.00 -3.26 -9.21
N LEU A 493 18.93 -2.90 -8.34
CA LEU A 493 20.24 -2.41 -8.74
C LEU A 493 21.19 -3.60 -8.87
N SER A 494 21.88 -3.70 -10.01
CA SER A 494 22.84 -4.76 -10.24
C SER A 494 24.25 -4.18 -10.34
N TYR A 495 25.18 -4.76 -9.59
CA TYR A 495 26.58 -4.37 -9.57
C TYR A 495 27.44 -5.57 -9.99
N VAL A 496 28.63 -5.28 -10.47
CA VAL A 496 29.66 -6.30 -10.68
C VAL A 496 30.93 -5.87 -9.96
N THR A 497 31.45 -6.75 -9.13
CA THR A 497 32.72 -6.54 -8.43
C THR A 497 33.77 -7.47 -9.03
N ASN A 498 35.01 -6.98 -9.08
CA ASN A 498 36.14 -7.77 -9.57
C ASN A 498 37.26 -7.72 -8.55
N GLU A 499 38.31 -8.51 -8.82
CA GLU A 499 39.39 -8.68 -7.87
C GLU A 499 40.15 -7.38 -7.68
N HIS A 500 40.40 -7.03 -6.43
CA HIS A 500 41.08 -5.78 -6.08
C HIS A 500 41.76 -5.96 -4.73
N GLU A 501 42.66 -5.03 -4.42
CA GLU A 501 43.31 -4.97 -3.13
C GLU A 501 43.17 -3.55 -2.58
N ASN A 502 42.67 -3.45 -1.35
CA ASN A 502 42.55 -2.19 -0.62
C ASN A 502 41.54 -1.24 -1.25
N GLY A 503 40.60 -1.74 -2.05
CA GLY A 503 39.58 -0.87 -2.59
C GLY A 503 38.56 -0.51 -1.53
N THR A 504 38.08 0.73 -1.59
CA THR A 504 37.19 1.27 -0.56
C THR A 504 36.19 2.18 -1.23
N ILE A 505 35.04 2.38 -0.56
CA ILE A 505 33.95 3.21 -1.07
C ILE A 505 33.73 4.36 -0.11
N LYS A 506 34.02 5.58 -0.56
CA LYS A 506 33.85 6.77 0.28
C LYS A 506 32.40 7.20 0.42
N ASN A 507 31.55 6.91 -0.57
CA ASN A 507 30.15 7.32 -0.55
C ASN A 507 29.24 6.11 -0.72
N PRO A 508 29.19 5.23 0.26
CA PRO A 508 28.32 4.05 0.15
C PRO A 508 26.84 4.37 0.19
N THR A 509 26.35 5.14 -0.78
CA THR A 509 24.96 5.58 -0.77
C THR A 509 24.31 5.34 -2.14
N VAL A 510 23.00 5.48 -2.16
CA VAL A 510 22.20 5.46 -3.38
C VAL A 510 21.26 6.66 -3.32
N ASP A 511 21.33 7.53 -4.32
CA ASP A 511 20.42 8.65 -4.41
C ASP A 511 19.23 8.26 -5.30
N ILE A 512 18.04 8.67 -4.89
CA ILE A 512 16.82 8.50 -5.67
C ILE A 512 16.28 9.89 -5.97
N LEU A 513 16.27 10.25 -7.24
CA LEU A 513 15.87 11.58 -7.67
C LEU A 513 14.43 11.56 -8.18
N GLY A 514 13.66 12.54 -7.72
CA GLY A 514 12.26 12.67 -8.11
C GLY A 514 11.92 13.97 -8.79
N GLN A 515 10.85 14.61 -8.34
CA GLN A 515 10.32 15.80 -8.98
C GLN A 515 11.27 16.98 -8.87
N ARG A 516 11.06 17.94 -9.77
CA ARG A 516 11.85 19.17 -9.81
C ARG A 516 11.41 20.15 -8.73
N ILE A 517 12.39 20.79 -8.07
CA ILE A 517 12.16 21.81 -7.06
C ILE A 517 12.49 23.18 -7.65
N VAL A 518 11.67 24.18 -7.35
CA VAL A 518 11.84 25.55 -7.87
C VAL A 518 11.83 26.54 -6.72
N GLU A 519 12.93 27.29 -6.55
CA GLU A 519 13.09 28.32 -5.52
C GLU A 519 13.77 29.55 -6.09
N ASN A 520 13.00 30.60 -6.39
CA ASN A 520 13.56 31.88 -6.86
C ASN A 520 14.48 31.65 -8.05
N LYS A 521 13.92 30.98 -9.06
CA LYS A 521 14.60 30.62 -10.30
C LYS A 521 15.65 29.53 -10.11
N VAL A 522 15.93 29.13 -8.86
CA VAL A 522 16.90 28.07 -8.59
C VAL A 522 16.23 26.71 -8.71
N ILE A 523 16.91 25.77 -9.36
CA ILE A 523 16.35 24.47 -9.72
C ILE A 523 17.23 23.36 -9.19
N THR A 524 16.60 22.36 -8.59
CA THR A 524 17.23 21.09 -8.24
C THR A 524 16.16 20.01 -8.35
N ALA A 525 16.57 18.77 -8.12
CA ALA A 525 15.67 17.63 -8.13
C ALA A 525 15.45 17.15 -6.70
N ASN A 526 14.21 16.78 -6.39
CA ASN A 526 13.94 16.18 -5.09
C ASN A 526 14.74 14.90 -4.96
N LYS A 527 15.39 14.72 -3.82
CA LYS A 527 16.33 13.63 -3.65
C LYS A 527 16.12 12.98 -2.29
N VAL A 528 16.21 11.66 -2.27
CA VAL A 528 16.25 10.87 -1.05
C VAL A 528 17.48 9.97 -1.14
N SER A 529 18.17 9.81 -0.01
CA SER A 529 19.44 9.10 0.01
C SER A 529 19.38 7.94 0.99
N LEU A 530 19.85 6.78 0.54
CA LEU A 530 19.93 5.58 1.37
C LEU A 530 21.39 5.17 1.52
N VAL A 531 21.76 4.72 2.71
CA VAL A 531 23.14 4.36 3.04
C VAL A 531 23.20 2.86 3.27
N TYR A 532 24.19 2.21 2.69
CA TYR A 532 24.41 0.78 2.90
C TYR A 532 25.77 0.55 3.54
N LYS A 533 25.97 -0.68 4.00
CA LYS A 533 27.21 -1.11 4.65
C LYS A 533 28.08 -1.83 3.63
N VAL A 534 29.35 -1.46 3.56
CA VAL A 534 30.30 -2.07 2.63
C VAL A 534 31.05 -3.18 3.36
N ASP A 535 31.02 -4.39 2.81
CA ASP A 535 31.68 -5.54 3.39
C ASP A 535 32.82 -5.96 2.47
N SER A 536 34.05 -5.85 2.94
CA SER A 536 35.24 -6.26 2.21
C SER A 536 35.82 -7.58 2.72
N SER A 537 35.15 -8.24 3.66
CA SER A 537 35.59 -9.52 4.21
C SER A 537 35.56 -10.62 3.16
N ASN A 538 36.64 -11.41 3.13
CA ASN A 538 36.72 -12.58 2.25
C ASN A 538 36.18 -13.79 3.01
N THR A 539 34.86 -14.00 2.92
CA THR A 539 34.22 -15.15 3.57
C THR A 539 34.38 -16.41 2.72
N ASP B 5 21.15 -19.88 25.43
CA ASP B 5 21.13 -18.54 25.98
C ASP B 5 19.83 -17.82 25.62
N VAL B 6 18.74 -18.24 26.27
CA VAL B 6 17.42 -17.71 25.93
C VAL B 6 17.25 -16.26 26.36
N VAL B 7 18.03 -15.80 27.35
CA VAL B 7 17.91 -14.41 27.80
C VAL B 7 18.53 -13.48 26.77
N LEU B 8 17.83 -12.38 26.49
CA LEU B 8 18.32 -11.36 25.56
C LEU B 8 18.77 -10.18 26.42
N LYS B 9 20.06 -10.17 26.73
CA LYS B 9 20.62 -9.14 27.61
C LYS B 9 20.49 -7.74 27.03
N ASP B 10 20.52 -7.62 25.70
CA ASP B 10 20.46 -6.30 25.08
C ASP B 10 19.13 -5.61 25.32
N GLN B 11 18.07 -6.35 25.62
CA GLN B 11 16.77 -5.79 25.91
C GLN B 11 16.39 -5.88 27.38
N SER B 12 17.20 -6.55 28.20
CA SER B 12 16.89 -6.75 29.60
C SER B 12 17.49 -5.63 30.43
N THR B 13 16.72 -5.14 31.40
CA THR B 13 17.13 -3.99 32.19
C THR B 13 16.77 -4.18 33.66
N THR B 14 17.39 -3.35 34.50
CA THR B 14 17.13 -3.30 35.93
C THR B 14 16.71 -1.87 36.26
N VAL B 15 15.46 -1.68 36.67
CA VAL B 15 14.86 -0.36 36.80
C VAL B 15 14.43 -0.12 38.25
N ASP B 16 14.69 1.09 38.74
CA ASP B 16 14.19 1.53 40.02
C ASP B 16 12.87 2.28 39.83
N SER B 17 11.91 2.02 40.72
CA SER B 17 10.58 2.60 40.64
C SER B 17 9.98 2.41 39.25
N PHE B 18 9.95 1.15 38.82
CA PHE B 18 9.48 0.81 37.47
C PHE B 18 8.02 1.18 37.30
N THR B 19 7.73 2.01 36.30
CA THR B 19 6.39 2.49 36.00
C THR B 19 5.96 2.03 34.62
N SER B 20 4.71 1.59 34.51
CA SER B 20 4.10 1.21 33.23
C SER B 20 2.61 1.52 33.31
N TYR B 21 1.90 1.25 32.21
CA TYR B 21 0.50 1.65 32.06
C TYR B 21 -0.39 0.46 31.74
N HIS B 22 -1.63 0.54 32.19
CA HIS B 22 -2.61 -0.53 32.00
C HIS B 22 -3.98 0.09 31.74
N GLY B 23 -4.59 -0.29 30.63
CA GLY B 23 -5.92 0.19 30.28
C GLY B 23 -7.01 -0.75 30.79
N ALA B 24 -7.99 -0.17 31.49
CA ALA B 24 -9.07 -0.93 32.10
C ALA B 24 -10.41 -0.55 31.50
N LYS B 25 -11.28 -1.54 31.36
CA LYS B 25 -12.63 -1.37 30.83
C LYS B 25 -13.52 -0.69 31.86
N PRO B 26 -14.67 -0.14 31.43
CA PRO B 26 -15.58 0.49 32.40
C PRO B 26 -15.92 -0.36 33.61
N GLU B 27 -16.12 -1.68 33.44
CA GLU B 27 -16.52 -2.50 34.57
C GLU B 27 -15.38 -2.77 35.54
N SER B 28 -14.14 -2.63 35.09
CA SER B 28 -13.00 -3.03 35.91
C SER B 28 -12.14 -1.87 36.41
N PHE B 29 -12.31 -0.67 35.87
CA PHE B 29 -11.41 0.43 36.21
C PHE B 29 -11.41 0.71 37.70
N ASN B 30 -12.59 0.75 38.31
CA ASN B 30 -12.67 1.12 39.73
C ASN B 30 -11.97 0.09 40.61
N ALA B 31 -12.11 -1.20 40.27
CA ALA B 31 -11.42 -2.21 41.07
C ALA B 31 -9.92 -2.19 40.83
N VAL B 32 -9.49 -1.81 39.63
CA VAL B 32 -8.07 -1.72 39.34
C VAL B 32 -7.43 -0.55 40.08
N LEU B 33 -8.14 0.58 40.16
CA LEU B 33 -7.59 1.76 40.81
C LEU B 33 -7.33 1.50 42.29
N THR B 34 -8.19 0.74 42.96
CA THR B 34 -8.02 0.45 44.37
C THR B 34 -6.90 -0.55 44.64
N GLY B 35 -6.41 -1.25 43.63
CA GLY B 35 -5.32 -2.18 43.81
C GLY B 35 -5.26 -3.22 42.71
N ILE B 36 -4.07 -3.69 42.38
CA ILE B 36 -3.90 -4.72 41.36
C ILE B 36 -4.02 -6.08 42.04
N LYS B 37 -4.87 -6.93 41.49
CA LYS B 37 -5.13 -8.24 42.06
C LYS B 37 -5.69 -9.13 40.96
N LYS B 38 -5.38 -10.41 41.03
CA LYS B 38 -5.84 -11.37 40.04
C LYS B 38 -7.36 -11.41 40.04
N PRO B 39 -8.02 -11.08 38.93
CA PRO B 39 -9.48 -11.10 38.91
C PRO B 39 -10.01 -12.53 39.02
N GLU B 40 -11.10 -12.69 39.78
CA GLU B 40 -11.76 -13.98 39.85
C GLU B 40 -12.56 -14.27 38.58
N LYS B 41 -13.05 -13.22 37.92
CA LYS B 41 -13.82 -13.34 36.70
C LYS B 41 -12.92 -13.01 35.52
N GLY B 42 -13.11 -13.73 34.41
CA GLY B 42 -12.34 -13.46 33.21
C GLY B 42 -11.25 -14.48 32.96
N SER B 43 -10.27 -14.07 32.14
CA SER B 43 -9.17 -14.93 31.75
C SER B 43 -7.89 -14.67 32.52
N GLN B 44 -7.84 -13.61 33.34
CA GLN B 44 -6.64 -13.25 34.10
C GLN B 44 -5.43 -13.06 33.20
N GLY B 45 -5.63 -12.38 32.07
CA GLY B 45 -4.56 -12.05 31.16
C GLY B 45 -4.34 -13.03 30.02
N ASN B 46 -4.75 -14.29 30.17
CA ASN B 46 -4.48 -15.29 29.14
C ASN B 46 -5.30 -16.54 29.41
N ASN B 47 -5.91 -17.10 28.36
CA ASN B 47 -6.52 -18.41 28.48
C ASN B 47 -5.49 -19.52 28.66
N ASP B 48 -4.24 -19.27 28.28
CA ASP B 48 -3.17 -20.21 28.57
C ASP B 48 -2.69 -19.98 30.00
N PRO B 49 -2.82 -20.97 30.89
CA PRO B 49 -2.36 -20.77 32.27
C PRO B 49 -0.90 -20.37 32.38
N ASP B 50 -0.05 -20.85 31.47
CA ASP B 50 1.38 -20.53 31.53
C ASP B 50 1.63 -19.04 31.48
N TRP B 51 0.81 -18.29 30.74
CA TRP B 51 1.02 -16.87 30.53
C TRP B 51 0.02 -16.01 31.28
N LYS B 52 -0.72 -16.58 32.23
CA LYS B 52 -1.66 -15.79 33.02
C LYS B 52 -0.88 -14.79 33.87
N GLY B 53 -1.32 -13.54 33.84
CA GLY B 53 -0.61 -12.50 34.57
C GLY B 53 -1.19 -11.14 34.24
N PHE B 54 -0.58 -10.14 34.88
CA PHE B 54 -0.97 -8.75 34.70
C PHE B 54 -0.13 -8.17 33.56
N TYR B 55 -0.80 -7.53 32.60
CA TYR B 55 -0.18 -7.04 31.37
C TYR B 55 -0.20 -5.52 31.37
N THR B 56 0.97 -4.91 31.23
CA THR B 56 1.08 -3.47 31.09
C THR B 56 1.92 -3.13 29.86
N THR B 57 1.92 -1.84 29.53
CA THR B 57 2.63 -1.32 28.36
C THR B 57 3.36 -0.04 28.73
N ASP B 58 4.45 0.23 28.03
CA ASP B 58 5.19 1.47 28.25
C ASP B 58 4.60 2.65 27.51
N ASN B 59 3.54 2.42 26.72
CA ASN B 59 2.87 3.45 25.93
C ASN B 59 1.51 3.73 26.57
N LYS B 60 1.39 4.89 27.21
CA LYS B 60 0.12 5.25 27.85
C LYS B 60 -0.98 5.51 26.83
N HIS B 61 -0.62 5.85 25.59
CA HIS B 61 -1.61 6.04 24.55
C HIS B 61 -2.15 4.69 24.07
N ALA B 62 -1.28 3.69 24.00
CA ALA B 62 -1.74 2.35 23.63
C ALA B 62 -2.60 1.75 24.73
N ALA B 63 -2.28 2.05 25.99
CA ALA B 63 -3.11 1.60 27.09
C ALA B 63 -4.50 2.24 27.03
N ALA B 64 -4.57 3.48 26.53
CA ALA B 64 -5.86 4.16 26.41
C ALA B 64 -6.80 3.43 25.46
N GLY B 65 -6.26 2.80 24.43
CA GLY B 65 -7.09 2.06 23.49
C GLY B 65 -7.61 0.75 24.01
N TYR B 66 -7.21 0.34 25.21
CA TYR B 66 -7.73 -0.85 25.86
C TYR B 66 -8.72 -0.53 26.96
N THR B 67 -9.28 0.67 26.94
CA THR B 67 -10.32 1.07 27.88
C THR B 67 -11.71 0.94 27.29
N VAL B 68 -11.81 0.60 26.01
CA VAL B 68 -13.11 0.49 25.35
C VAL B 68 -13.87 -0.69 25.93
N SER B 69 -15.15 -0.47 26.23
CA SER B 69 -16.02 -1.55 26.63
C SER B 69 -16.29 -2.46 25.41
N ASP B 70 -16.30 -3.77 25.66
CA ASP B 70 -16.71 -4.73 24.65
C ASP B 70 -18.05 -5.37 24.99
N GLU B 71 -18.77 -4.78 25.95
CA GLU B 71 -20.14 -5.18 26.24
C GLU B 71 -21.04 -4.94 25.03
N SER B 72 -20.90 -3.77 24.41
CA SER B 72 -21.75 -3.34 23.31
C SER B 72 -20.87 -2.91 22.13
N VAL B 73 -21.52 -2.60 21.02
CA VAL B 73 -20.84 -2.11 19.82
C VAL B 73 -21.19 -0.64 19.64
N LEU B 74 -20.15 0.20 19.52
CA LEU B 74 -20.32 1.64 19.36
C LEU B 74 -21.09 2.24 20.54
N SER B 75 -20.79 1.76 21.75
CA SER B 75 -21.46 2.30 22.93
C SER B 75 -20.93 3.66 23.31
N GLY B 76 -19.68 3.95 22.96
CA GLY B 76 -19.06 5.20 23.35
C GLY B 76 -18.57 5.25 24.78
N LYS B 77 -18.53 4.12 25.47
CA LYS B 77 -18.16 4.07 26.87
C LYS B 77 -16.73 3.56 27.01
N ALA B 78 -15.93 4.25 27.81
CA ALA B 78 -14.53 3.89 28.03
C ALA B 78 -14.22 3.90 29.52
N GLY B 79 -13.17 3.18 29.89
CA GLY B 79 -12.74 3.11 31.28
C GLY B 79 -11.68 4.12 31.62
N GLY B 80 -10.43 3.68 31.71
CA GLY B 80 -9.35 4.60 32.01
C GLY B 80 -8.03 3.86 32.10
N VAL B 81 -6.96 4.64 32.17
CA VAL B 81 -5.59 4.13 32.22
C VAL B 81 -5.04 4.35 33.62
N VAL B 82 -4.41 3.33 34.19
CA VAL B 82 -3.74 3.43 35.47
C VAL B 82 -2.23 3.41 35.25
N ARG B 83 -1.54 4.26 36.01
CA ARG B 83 -0.09 4.29 36.06
C ARG B 83 0.36 3.46 37.27
N VAL B 84 1.09 2.38 37.02
CA VAL B 84 1.45 1.42 38.06
C VAL B 84 2.96 1.44 38.27
N THR B 85 3.38 1.65 39.52
CA THR B 85 4.77 1.78 39.89
C THR B 85 5.11 0.81 41.03
N TYR B 86 6.26 0.05 40.87
CA TYR B 86 6.77 -0.86 41.89
C TYR B 86 7.65 -0.12 42.89
N PRO B 87 7.68 -0.60 44.15
CA PRO B 87 8.71 -0.13 45.08
C PRO B 87 10.01 -0.87 44.82
N GLY B 88 11.12 -0.16 44.96
CA GLY B 88 12.42 -0.77 44.82
C GLY B 88 12.75 -1.04 43.36
N LYS B 89 13.62 -2.03 43.17
CA LYS B 89 14.19 -2.30 41.86
C LYS B 89 13.53 -3.51 41.21
N THR B 90 13.32 -3.43 39.90
CA THR B 90 12.67 -4.46 39.11
C THR B 90 13.59 -4.89 37.96
N ARG B 91 13.61 -6.19 37.68
CA ARG B 91 14.33 -6.72 36.53
C ARG B 91 13.33 -6.99 35.41
N ILE B 92 13.48 -6.27 34.30
CA ILE B 92 12.72 -6.56 33.09
C ILE B 92 13.54 -7.55 32.27
N LEU B 93 13.11 -8.80 32.24
CA LEU B 93 13.83 -9.87 31.58
C LEU B 93 13.25 -10.10 30.19
N ALA B 94 14.05 -9.86 29.16
CA ALA B 94 13.66 -10.16 27.79
C ALA B 94 14.15 -11.55 27.41
N VAL B 95 13.27 -12.32 26.76
CA VAL B 95 13.59 -13.69 26.36
C VAL B 95 13.17 -13.88 24.91
N LYS B 96 13.65 -14.97 24.32
CA LYS B 96 13.33 -15.29 22.93
C LYS B 96 11.86 -15.69 22.80
N SER B 97 11.31 -15.45 21.60
CA SER B 97 9.93 -15.83 21.31
C SER B 97 9.87 -17.35 21.17
N LEU B 98 9.74 -18.01 22.31
CA LEU B 98 9.69 -19.46 22.39
C LEU B 98 8.45 -19.87 23.15
N SER B 99 8.14 -21.16 23.12
CA SER B 99 7.01 -21.68 23.89
C SER B 99 7.35 -21.67 25.38
N ALA B 100 6.30 -21.54 26.19
CA ALA B 100 6.49 -21.52 27.63
C ALA B 100 7.23 -22.76 28.13
N ALA B 101 6.92 -23.93 27.56
CA ALA B 101 7.58 -25.16 27.96
C ALA B 101 9.09 -25.05 27.75
N GLU B 102 9.51 -24.53 26.60
CA GLU B 102 10.92 -24.36 26.33
C GLU B 102 11.54 -23.28 27.23
N LEU B 103 10.79 -22.20 27.47
CA LEU B 103 11.27 -21.17 28.38
C LEU B 103 11.45 -21.72 29.79
N LYS B 104 10.51 -22.53 30.26
CA LYS B 104 10.60 -23.13 31.59
C LYS B 104 11.86 -23.99 31.71
N GLY B 105 12.14 -24.80 30.68
CA GLY B 105 13.32 -25.65 30.74
C GLY B 105 14.63 -24.88 30.66
N LYS B 106 14.72 -23.90 29.77
CA LYS B 106 15.98 -23.20 29.57
C LYS B 106 16.29 -22.19 30.68
N LEU B 107 15.29 -21.79 31.45
CA LEU B 107 15.50 -20.89 32.57
C LEU B 107 15.56 -21.62 33.91
N GLY B 108 15.48 -22.95 33.90
CA GLY B 108 15.59 -23.71 35.13
C GLY B 108 14.34 -23.73 36.00
N LEU B 109 13.17 -23.63 35.39
CA LEU B 109 11.91 -23.67 36.13
C LEU B 109 11.31 -25.07 36.15
N ASP B 110 10.29 -25.23 36.99
CA ASP B 110 9.53 -26.46 37.07
C ASP B 110 8.61 -26.51 35.85
N SER B 111 8.61 -27.64 35.15
CA SER B 111 7.80 -27.73 33.93
C SER B 111 6.33 -27.99 34.21
N ALA B 112 5.97 -28.38 35.43
CA ALA B 112 4.59 -28.72 35.77
C ALA B 112 3.79 -27.57 36.36
N LYS B 113 4.32 -26.36 36.43
CA LYS B 113 3.58 -25.21 36.91
C LYS B 113 3.68 -24.08 35.90
N PRO B 114 2.69 -23.18 35.89
CA PRO B 114 2.72 -22.06 34.94
C PRO B 114 4.00 -21.24 35.00
N LEU B 115 4.43 -20.78 33.82
CA LEU B 115 5.69 -20.06 33.70
C LEU B 115 5.64 -18.72 34.44
N ILE B 116 4.68 -17.87 34.10
CA ILE B 116 4.63 -16.53 34.70
C ILE B 116 4.41 -16.62 36.20
N ASP B 117 3.61 -17.60 36.63
CA ASP B 117 3.35 -17.80 38.06
C ASP B 117 4.61 -18.19 38.83
N GLN B 118 5.72 -18.46 38.14
CA GLN B 118 6.97 -18.84 38.79
C GLN B 118 8.03 -17.76 38.69
N LEU B 119 7.69 -16.57 38.19
CA LEU B 119 8.66 -15.48 38.12
C LEU B 119 9.17 -15.08 39.50
N ASN B 120 8.45 -15.43 40.56
CA ASN B 120 8.87 -15.13 41.93
C ASN B 120 9.49 -16.35 42.62
N ASP B 121 9.95 -17.33 41.83
CA ASP B 121 10.73 -18.43 42.38
C ASP B 121 12.00 -17.88 43.00
N LYS B 122 12.32 -18.39 44.20
CA LYS B 122 13.53 -17.95 44.89
C LYS B 122 14.78 -18.27 44.08
N SER B 123 14.87 -19.51 43.57
CA SER B 123 16.02 -19.90 42.76
C SER B 123 16.08 -19.09 41.46
N PHE B 124 14.95 -18.97 40.77
CA PHE B 124 14.91 -18.19 39.53
C PHE B 124 15.30 -16.74 39.77
N LEU B 125 14.78 -16.15 40.86
CA LEU B 125 15.08 -14.76 41.17
C LEU B 125 16.57 -14.52 41.34
N GLU B 126 17.24 -15.40 42.09
CA GLU B 126 18.67 -15.22 42.33
C GLU B 126 19.46 -15.28 41.03
N LYS B 127 19.16 -16.26 40.17
CA LYS B 127 19.96 -16.45 38.96
C LYS B 127 19.77 -15.33 37.96
N TYR B 128 18.53 -14.89 37.73
CA TYR B 128 18.22 -13.94 36.67
C TYR B 128 17.79 -12.57 37.17
N GLY B 129 17.65 -12.38 38.49
CA GLY B 129 17.09 -11.15 39.01
C GLY B 129 18.00 -9.94 38.92
N ASP B 130 19.32 -10.16 38.82
CA ASP B 130 20.31 -9.07 38.84
C ASP B 130 20.23 -8.32 40.17
N GLY B 131 19.85 -9.04 41.24
CA GLY B 131 19.72 -8.46 42.55
C GLY B 131 18.41 -7.74 42.80
N ALA B 132 17.49 -7.72 41.84
CA ALA B 132 16.25 -6.99 41.98
C ALA B 132 15.27 -7.72 42.89
N ASN B 133 14.26 -6.97 43.36
CA ASN B 133 13.25 -7.54 44.23
C ASN B 133 12.34 -8.52 43.48
N ARG B 134 12.13 -8.28 42.19
CA ARG B 134 11.26 -9.11 41.38
C ARG B 134 11.78 -9.15 39.96
N VAL B 135 11.11 -9.94 39.12
CA VAL B 135 11.40 -9.99 37.69
C VAL B 135 10.07 -9.85 36.95
N VAL B 136 10.04 -8.94 35.99
CA VAL B 136 8.90 -8.76 35.10
C VAL B 136 9.33 -9.13 33.70
N LEU B 137 8.58 -10.02 33.05
CA LEU B 137 8.96 -10.53 31.75
C LEU B 137 8.50 -9.57 30.66
N LYS B 138 9.45 -9.14 29.82
CA LYS B 138 9.08 -8.42 28.61
C LYS B 138 8.45 -9.40 27.64
N MET B 139 7.38 -8.98 26.98
CA MET B 139 6.58 -9.89 26.16
C MET B 139 7.40 -10.47 25.01
N PRO B 140 7.61 -11.79 24.99
CA PRO B 140 8.33 -12.40 23.87
C PRO B 140 7.55 -12.32 22.56
N PHE B 141 6.35 -12.88 22.56
CA PHE B 141 5.52 -12.88 21.35
C PHE B 141 5.23 -11.44 20.94
N ALA B 142 5.13 -11.24 19.63
CA ALA B 142 5.25 -9.91 19.06
C ALA B 142 3.94 -9.13 19.12
N ASP B 143 4.00 -7.95 18.49
CA ASP B 143 2.88 -7.04 18.29
C ASP B 143 3.27 -6.13 17.14
N GLY B 144 2.28 -5.52 16.50
CA GLY B 144 2.63 -4.70 15.37
C GLY B 144 3.29 -3.38 15.73
N THR B 145 3.23 -2.99 16.99
CA THR B 145 3.67 -1.70 17.48
C THR B 145 5.15 -1.72 17.83
N GLU B 146 5.74 -0.52 17.85
CA GLU B 146 7.09 -0.30 18.36
C GLU B 146 7.10 -0.10 19.86
N ASP B 147 6.00 -0.43 20.55
CA ASP B 147 5.90 -0.34 21.99
C ASP B 147 6.41 -1.63 22.64
N SER B 148 6.68 -1.54 23.94
CA SER B 148 7.11 -2.68 24.73
C SER B 148 6.01 -3.04 25.72
N GLU B 149 5.79 -4.34 25.90
CA GLU B 149 4.77 -4.84 26.81
C GLU B 149 5.40 -5.76 27.85
N PHE B 150 4.81 -5.77 29.04
CA PHE B 150 5.37 -6.47 30.18
C PHE B 150 4.31 -7.36 30.82
N ILE B 151 4.73 -8.56 31.22
CA ILE B 151 3.86 -9.53 31.85
C ILE B 151 4.32 -9.71 33.30
N HIS B 152 3.45 -9.38 34.24
CA HIS B 152 3.77 -9.39 35.67
C HIS B 152 3.22 -10.64 36.34
N ASN B 153 3.95 -11.13 37.34
CA ASN B 153 3.44 -12.21 38.18
C ASN B 153 2.28 -11.67 39.01
N TRP B 154 1.20 -12.45 39.09
CA TRP B 154 -0.02 -11.95 39.73
C TRP B 154 0.19 -11.61 41.20
N LYS B 155 1.03 -12.37 41.89
CA LYS B 155 1.32 -12.03 43.29
C LYS B 155 2.26 -10.83 43.40
N ASP B 156 3.20 -10.70 42.46
CA ASP B 156 4.09 -9.54 42.47
C ASP B 156 3.33 -8.26 42.18
N ALA B 157 2.33 -8.32 41.30
CA ALA B 157 1.61 -7.10 40.91
C ALA B 157 0.84 -6.49 42.07
N GLU B 158 0.61 -7.24 43.15
CA GLU B 158 -0.06 -6.68 44.31
C GLU B 158 0.76 -5.59 44.99
N GLN B 159 2.06 -5.51 44.70
CA GLN B 159 2.94 -4.54 45.31
C GLN B 159 2.96 -3.20 44.56
N LEU B 160 2.23 -3.11 43.45
CA LEU B 160 2.24 -1.90 42.64
C LEU B 160 1.45 -0.79 43.30
N SER B 161 1.98 0.43 43.25
CA SER B 161 1.20 1.61 43.56
C SER B 161 0.43 2.02 42.31
N VAL B 162 -0.85 2.32 42.46
CA VAL B 162 -1.74 2.54 41.34
C VAL B 162 -2.24 3.97 41.39
N GLU B 163 -2.15 4.67 40.25
CA GLU B 163 -2.63 6.03 40.11
C GLU B 163 -3.41 6.14 38.82
N THR B 164 -4.25 7.17 38.73
CA THR B 164 -4.96 7.44 37.49
C THR B 164 -4.04 8.20 36.55
N GLU B 165 -3.92 7.70 35.32
CA GLU B 165 -3.26 8.45 34.26
C GLU B 165 -4.28 9.30 33.52
N VAL B 166 -5.37 8.67 33.07
CA VAL B 166 -6.49 9.35 32.46
C VAL B 166 -7.69 8.42 32.58
N ARG B 167 -8.88 9.00 32.69
CA ARG B 167 -10.09 8.20 32.80
C ARG B 167 -11.19 8.84 31.97
N PHE B 168 -12.08 7.99 31.46
CA PHE B 168 -13.17 8.42 30.59
C PHE B 168 -14.54 7.95 31.07
N ASP B 169 -14.61 7.24 32.20
CA ASP B 169 -15.86 6.63 32.65
C ASP B 169 -16.85 7.65 33.21
N ASN B 170 -16.44 8.88 33.45
CA ASN B 170 -17.36 9.92 33.90
C ASN B 170 -17.98 10.68 32.74
N LEU B 171 -17.65 10.31 31.51
CA LEU B 171 -18.17 10.95 30.31
C LEU B 171 -19.30 10.12 29.70
N GLY B 172 -19.62 8.98 30.31
CA GLY B 172 -20.70 8.12 29.85
C GLY B 172 -20.48 7.66 28.44
N LYS B 173 -21.47 7.90 27.58
CA LYS B 173 -21.45 7.47 26.19
C LYS B 173 -20.64 8.40 25.30
N ARG B 174 -19.95 9.37 25.89
CA ARG B 174 -19.02 10.23 25.18
C ARG B 174 -17.58 9.95 25.60
N GLY B 175 -17.36 8.84 26.31
CA GLY B 175 -16.02 8.53 26.79
C GLY B 175 -15.04 8.24 25.67
N GLN B 176 -15.49 7.54 24.63
CA GLN B 176 -14.57 7.19 23.55
C GLN B 176 -14.22 8.40 22.68
N ASP B 177 -15.05 9.45 22.73
CA ASP B 177 -14.63 10.72 22.12
C ASP B 177 -13.33 11.21 22.75
N ALA B 178 -13.28 11.21 24.09
CA ALA B 178 -12.09 11.66 24.79
C ALA B 178 -10.94 10.67 24.62
N MET B 179 -11.26 9.37 24.61
CA MET B 179 -10.21 8.37 24.36
C MET B 179 -9.57 8.57 23.01
N ASN B 180 -10.38 8.82 21.97
CA ASN B 180 -9.83 9.09 20.65
C ASN B 180 -8.96 10.33 20.65
N SER B 181 -9.43 11.41 21.28
CA SER B 181 -8.65 12.64 21.33
C SER B 181 -7.39 12.46 22.17
N TYR B 182 -7.47 11.69 23.24
CA TYR B 182 -6.29 11.48 24.08
C TYR B 182 -5.24 10.65 23.37
N MET B 183 -5.66 9.63 22.61
CA MET B 183 -4.70 8.80 21.89
C MET B 183 -4.02 9.61 20.79
N ASN B 184 -4.77 10.46 20.10
CA ASN B 184 -4.21 11.29 19.04
C ASN B 184 -3.20 12.29 19.57
N MET B 185 -3.23 12.60 20.87
CA MET B 185 -2.30 13.56 21.45
C MET B 185 -0.85 13.14 21.26
N ALA B 186 -0.60 11.86 20.96
CA ALA B 186 0.76 11.41 20.66
C ALA B 186 1.30 12.06 19.39
N ASN B 187 0.42 12.61 18.54
CA ASN B 187 0.84 13.30 17.33
C ASN B 187 1.04 14.78 17.55
N CYS B 188 0.73 15.30 18.74
CA CYS B 188 0.78 16.73 18.94
C CYS B 188 2.14 17.17 19.50
N PRO B 189 2.60 18.35 19.06
CA PRO B 189 3.92 18.87 19.44
C PRO B 189 4.37 18.76 20.88
N SER B 190 5.66 18.44 21.06
CA SER B 190 6.34 18.36 22.35
C SER B 190 5.89 17.16 23.18
N SER B 199 7.35 14.54 11.00
CA SER B 199 6.04 13.91 11.07
C SER B 199 5.07 14.46 10.02
N PRO B 200 5.37 14.23 8.74
CA PRO B 200 4.47 14.76 7.70
C PRO B 200 3.11 14.09 7.71
N GLY B 201 3.06 12.78 7.95
CA GLY B 201 1.81 12.05 7.91
C GLY B 201 1.04 12.06 9.21
N LYS B 202 1.76 12.21 10.32
CA LYS B 202 1.16 12.23 11.66
C LYS B 202 0.52 13.60 11.90
N ILE B 203 -0.81 13.63 12.02
CA ILE B 203 -1.58 14.87 12.16
C ILE B 203 -2.09 14.98 13.58
N CYS B 204 -1.91 16.17 14.18
CA CYS B 204 -2.50 16.50 15.47
C CYS B 204 -3.90 17.05 15.26
N LEU B 205 -4.87 16.50 15.99
CA LEU B 205 -6.28 16.83 15.83
C LEU B 205 -6.81 17.70 16.97
N SER B 206 -5.93 18.46 17.62
CA SER B 206 -6.33 19.26 18.78
C SER B 206 -7.35 20.34 18.42
N LYS B 207 -7.46 20.71 17.15
CA LYS B 207 -8.41 21.74 16.76
C LYS B 207 -9.83 21.21 16.57
N ILE B 208 -10.05 19.92 16.76
CA ILE B 208 -11.38 19.32 16.67
C ILE B 208 -11.84 18.97 18.09
N ASN B 209 -12.93 19.58 18.52
CA ASN B 209 -13.58 19.22 19.78
C ASN B 209 -14.84 18.44 19.44
N TRP B 210 -14.86 17.17 19.80
CA TRP B 210 -15.96 16.29 19.40
C TRP B 210 -17.30 16.77 19.95
N LYS B 211 -17.32 17.42 21.12
CA LYS B 211 -18.58 17.98 21.59
C LYS B 211 -19.04 19.13 20.70
N ASN B 212 -18.09 19.91 20.18
CA ASN B 212 -18.45 20.98 19.25
C ASN B 212 -19.01 20.40 17.96
N VAL B 213 -18.37 19.35 17.44
CA VAL B 213 -18.80 18.74 16.19
C VAL B 213 -20.24 18.23 16.31
N ARG B 214 -20.55 17.54 17.41
CA ARG B 214 -21.89 17.01 17.59
C ARG B 214 -22.93 18.12 17.75
N GLU B 215 -22.62 19.13 18.55
CA GLU B 215 -23.60 20.20 18.77
C GLU B 215 -23.77 21.07 17.53
N LYS B 216 -22.67 21.39 16.84
CA LYS B 216 -22.78 22.24 15.66
C LYS B 216 -23.45 21.50 14.50
N ALA B 217 -23.15 20.21 14.33
CA ALA B 217 -23.79 19.45 13.25
C ALA B 217 -25.27 19.26 13.53
N ASP B 218 -25.64 19.13 14.81
CA ASP B 218 -27.05 19.03 15.17
C ASP B 218 -27.76 20.35 14.91
N ALA B 219 -27.12 21.47 15.23
CA ALA B 219 -27.71 22.78 14.94
C ALA B 219 -27.81 23.04 13.44
N LEU B 220 -26.74 22.74 12.69
CA LEU B 220 -26.72 23.03 11.27
C LEU B 220 -27.80 22.23 10.54
N THR B 221 -27.87 20.92 10.79
CA THR B 221 -28.88 20.10 10.14
C THR B 221 -30.29 20.50 10.55
N LYS B 222 -30.45 20.96 11.80
CA LYS B 222 -31.77 21.42 12.24
C LYS B 222 -32.19 22.67 11.48
N LYS B 223 -31.28 23.63 11.32
CA LYS B 223 -31.59 24.85 10.59
C LYS B 223 -31.96 24.54 9.14
N VAL B 224 -31.31 23.54 8.55
CA VAL B 224 -31.61 23.20 7.16
C VAL B 224 -33.00 22.59 7.04
N HIS B 225 -33.28 21.54 7.80
CA HIS B 225 -34.59 20.90 7.62
C HIS B 225 -35.73 21.72 8.21
N ALA B 226 -35.44 22.76 8.98
CA ALA B 226 -36.45 23.71 9.40
C ALA B 226 -36.74 24.78 8.35
N ASP B 227 -35.98 24.80 7.25
CA ASP B 227 -36.23 25.73 6.15
C ASP B 227 -37.19 25.03 5.21
N LYS B 228 -38.49 25.18 5.50
CA LYS B 228 -39.52 24.47 4.74
C LYS B 228 -39.47 24.82 3.26
N GLU B 229 -39.23 26.10 2.94
CA GLU B 229 -39.07 26.50 1.54
C GLU B 229 -37.98 25.69 0.86
N PHE B 230 -36.80 25.63 1.48
CA PHE B 230 -35.68 24.89 0.91
C PHE B 230 -35.98 23.39 0.85
N MET B 231 -36.60 22.84 1.88
CA MET B 231 -36.84 21.40 1.93
C MET B 231 -37.82 20.95 0.84
N ASP B 232 -38.78 21.80 0.46
CA ASP B 232 -39.71 21.43 -0.61
C ASP B 232 -38.98 21.32 -1.94
N LYS B 233 -38.09 22.26 -2.24
CA LYS B 233 -37.27 22.15 -3.44
C LYS B 233 -36.39 20.91 -3.41
N LEU B 234 -36.00 20.46 -2.21
CA LEU B 234 -35.24 19.23 -2.11
C LEU B 234 -36.09 18.01 -2.46
N SER B 235 -37.42 18.16 -2.43
CA SER B 235 -38.33 17.08 -2.81
C SER B 235 -38.43 16.90 -4.32
N THR B 236 -38.03 17.90 -5.11
CA THR B 236 -38.03 17.74 -6.57
C THR B 236 -36.89 16.82 -7.00
N HIS B 237 -35.68 17.06 -6.48
CA HIS B 237 -34.56 16.19 -6.77
C HIS B 237 -34.83 14.77 -6.27
N HIS B 238 -35.34 14.65 -5.05
CA HIS B 238 -35.65 13.35 -4.51
C HIS B 238 -36.82 13.44 -3.54
N GLN B 239 -37.72 12.46 -3.61
CA GLN B 239 -38.81 12.33 -2.66
C GLN B 239 -38.41 11.25 -1.65
N ARG B 240 -38.61 11.56 -0.38
CA ARG B 240 -38.19 10.66 0.69
C ARG B 240 -38.84 9.29 0.55
N GLY B 241 -38.04 8.24 0.64
CA GLY B 241 -38.51 6.88 0.63
C GLY B 241 -38.51 6.20 -0.73
N GLU B 242 -38.39 6.97 -1.81
CA GLU B 242 -38.36 6.38 -3.14
C GLU B 242 -36.97 5.86 -3.46
N ALA B 243 -36.89 4.91 -4.41
CA ALA B 243 -35.64 4.24 -4.77
C ALA B 243 -34.58 5.23 -5.25
N PRO B 244 -33.48 5.40 -4.52
CA PRO B 244 -32.45 6.37 -4.91
C PRO B 244 -31.38 5.76 -5.79
N SER B 245 -31.03 6.51 -6.84
CA SER B 245 -29.96 6.17 -7.78
C SER B 245 -28.79 7.12 -7.62
N VAL B 246 -27.65 6.76 -8.24
CA VAL B 246 -26.46 7.59 -8.16
C VAL B 246 -26.73 8.97 -8.74
N GLU B 247 -27.48 9.05 -9.84
CA GLU B 247 -27.82 10.35 -10.41
C GLU B 247 -28.67 11.17 -9.46
N LYS B 248 -29.72 10.55 -8.90
CA LYS B 248 -30.57 11.25 -7.94
C LYS B 248 -29.80 11.62 -6.68
N THR B 249 -28.96 10.72 -6.18
CA THR B 249 -28.22 11.00 -4.96
C THR B 249 -27.17 12.08 -5.19
N THR B 250 -26.56 12.11 -6.39
CA THR B 250 -25.60 13.15 -6.69
C THR B 250 -26.26 14.51 -6.78
N ALA B 251 -27.44 14.58 -7.40
CA ALA B 251 -28.16 15.85 -7.49
C ALA B 251 -28.65 16.29 -6.11
N LEU B 252 -29.03 15.33 -5.28
CA LEU B 252 -29.42 15.64 -3.91
C LEU B 252 -28.21 16.15 -3.12
N HIS B 253 -27.03 15.61 -3.40
CA HIS B 253 -25.80 16.08 -2.78
C HIS B 253 -25.53 17.54 -3.13
N ASN B 254 -25.62 17.88 -4.42
CA ASN B 254 -25.31 19.24 -4.86
C ASN B 254 -26.42 20.21 -4.48
N ALA B 255 -27.67 19.75 -4.38
CA ALA B 255 -28.74 20.62 -3.92
C ALA B 255 -28.53 21.01 -2.46
N LEU B 256 -28.07 20.07 -1.64
CA LEU B 256 -27.76 20.37 -0.24
C LEU B 256 -26.57 21.32 -0.12
N LEU B 257 -25.55 21.14 -0.97
CA LEU B 257 -24.38 21.99 -0.92
C LEU B 257 -24.70 23.44 -1.24
N GLU B 258 -25.86 23.69 -1.85
CA GLU B 258 -26.24 25.03 -2.25
C GLU B 258 -26.72 25.89 -1.09
N HIS B 259 -27.07 25.26 0.03
CA HIS B 259 -27.56 25.99 1.18
C HIS B 259 -26.48 26.87 1.79
N GLU B 260 -26.90 28.02 2.33
CA GLU B 260 -25.98 28.98 2.95
C GLU B 260 -25.12 28.33 4.02
N SER B 261 -25.65 27.34 4.73
CA SER B 261 -24.95 26.71 5.85
C SER B 261 -23.76 25.87 5.41
N PHE B 262 -23.60 25.61 4.12
CA PHE B 262 -22.50 24.79 3.61
C PHE B 262 -21.50 25.61 2.80
N SER B 263 -21.45 26.93 3.00
CA SER B 263 -20.62 27.79 2.17
C SER B 263 -19.14 27.52 2.38
N ALA B 264 -18.74 27.09 3.58
CA ALA B 264 -17.32 26.84 3.83
C ALA B 264 -16.84 25.56 3.16
N LEU B 265 -17.75 24.65 2.79
CA LEU B 265 -17.38 23.38 2.21
C LEU B 265 -17.73 23.26 0.72
N LYS B 266 -18.61 24.12 0.20
CA LYS B 266 -19.05 23.95 -1.18
C LYS B 266 -17.88 23.91 -2.15
N GLY B 267 -17.01 24.92 -2.09
CA GLY B 267 -15.89 24.97 -3.02
C GLY B 267 -14.99 23.76 -2.94
N ALA B 268 -14.56 23.42 -1.72
CA ALA B 268 -13.63 22.30 -1.56
C ALA B 268 -14.27 20.97 -1.93
N ARG B 269 -15.58 20.82 -1.71
CA ARG B 269 -16.26 19.60 -2.11
C ARG B 269 -16.41 19.52 -3.63
N ALA B 270 -16.78 20.64 -4.26
CA ALA B 270 -16.99 20.64 -5.70
C ALA B 270 -15.70 20.40 -6.48
N SER B 271 -14.55 20.73 -5.88
CA SER B 271 -13.28 20.62 -6.57
C SER B 271 -12.53 19.32 -6.29
N GLY B 272 -12.93 18.58 -5.26
CA GLY B 272 -12.22 17.38 -4.88
C GLY B 272 -11.18 17.61 -3.81
N LYS B 273 -11.06 18.85 -3.31
CA LYS B 273 -10.13 19.14 -2.23
C LYS B 273 -10.50 18.41 -0.95
N VAL B 274 -11.80 18.40 -0.62
CA VAL B 274 -12.31 17.67 0.54
C VAL B 274 -13.38 16.71 0.03
N GLY B 275 -13.05 15.44 -0.09
CA GLY B 275 -13.99 14.45 -0.57
C GLY B 275 -14.35 14.65 -2.03
N ALA B 276 -15.52 14.14 -2.38
CA ALA B 276 -16.02 14.24 -3.75
C ALA B 276 -17.51 13.95 -3.74
N ALA B 277 -18.25 14.67 -4.59
CA ALA B 277 -19.69 14.44 -4.71
C ALA B 277 -19.99 13.01 -5.11
N ALA B 278 -19.11 12.40 -5.91
CA ALA B 278 -19.34 11.02 -6.33
C ALA B 278 -19.12 10.03 -5.19
N SER B 279 -18.23 10.35 -4.25
CA SER B 279 -18.00 9.44 -3.12
C SER B 279 -19.16 9.50 -2.13
N THR B 280 -19.66 10.69 -1.83
CA THR B 280 -20.80 10.81 -0.93
C THR B 280 -22.06 10.24 -1.54
N ALA B 281 -22.22 10.37 -2.87
CA ALA B 281 -23.42 9.86 -3.51
C ALA B 281 -23.43 8.34 -3.56
N ALA B 282 -22.27 7.73 -3.80
CA ALA B 282 -22.17 6.28 -3.80
C ALA B 282 -22.46 5.73 -2.41
N TRP B 283 -21.99 6.42 -1.37
CA TRP B 283 -22.24 5.97 0.00
C TRP B 283 -23.71 6.13 0.36
N GLY B 284 -24.35 7.20 -0.12
CA GLY B 284 -25.77 7.37 0.14
C GLY B 284 -26.62 6.27 -0.47
N VAL B 285 -26.29 5.88 -1.70
CA VAL B 285 -27.01 4.78 -2.35
C VAL B 285 -26.83 3.49 -1.56
N ALA B 286 -25.60 3.21 -1.12
CA ALA B 286 -25.34 1.99 -0.38
C ALA B 286 -25.99 2.01 0.99
N VAL B 287 -26.13 3.19 1.60
CA VAL B 287 -26.81 3.29 2.88
C VAL B 287 -28.30 3.01 2.73
N ALA B 288 -28.90 3.51 1.63
CA ALA B 288 -30.31 3.28 1.41
C ALA B 288 -30.60 1.82 1.11
N GLN B 289 -29.72 1.16 0.35
CA GLN B 289 -29.89 -0.26 0.08
C GLN B 289 -29.73 -1.09 1.34
N ALA B 290 -28.78 -0.71 2.19
CA ALA B 290 -28.54 -1.46 3.42
C ALA B 290 -29.73 -1.38 4.38
N PHE B 291 -30.48 -0.29 4.35
CA PHE B 291 -31.64 -0.13 5.22
C PHE B 291 -32.91 -0.79 4.68
N THR B 292 -32.85 -1.42 3.51
CA THR B 292 -33.96 -2.24 3.08
C THR B 292 -33.98 -3.60 3.78
N ASP B 293 -32.91 -3.91 4.51
CA ASP B 293 -32.86 -5.10 5.35
C ASP B 293 -34.01 -5.02 6.34
N PRO B 294 -34.94 -5.98 6.33
CA PRO B 294 -36.06 -5.96 7.28
C PRO B 294 -35.62 -5.83 8.73
N LYS B 295 -34.47 -6.37 9.09
CA LYS B 295 -34.02 -6.37 10.48
C LYS B 295 -33.44 -5.02 10.89
N ALA B 296 -33.14 -4.15 9.93
CA ALA B 296 -32.53 -2.87 10.22
C ALA B 296 -33.57 -1.87 10.71
N ASP B 297 -33.07 -0.82 11.37
CA ASP B 297 -33.93 0.25 11.86
C ASP B 297 -33.12 1.54 11.85
N ALA B 298 -33.56 2.51 11.05
CA ALA B 298 -32.81 3.73 10.88
C ALA B 298 -32.83 4.59 12.13
N LEU B 299 -33.89 4.49 12.94
CA LEU B 299 -34.00 5.36 14.10
C LEU B 299 -33.40 4.76 15.37
N THR B 300 -33.61 3.46 15.60
CA THR B 300 -33.18 2.83 16.84
C THR B 300 -31.97 1.93 16.69
N LYS B 301 -31.54 1.64 15.47
CA LYS B 301 -30.42 0.74 15.23
C LYS B 301 -29.52 1.34 14.18
N THR B 302 -29.29 2.65 14.25
CA THR B 302 -28.53 3.33 13.20
C THR B 302 -27.10 2.80 13.10
N ALA B 303 -26.43 2.61 14.25
CA ALA B 303 -25.04 2.15 14.25
C ALA B 303 -24.89 0.77 13.60
N ALA B 304 -25.88 -0.11 13.79
CA ALA B 304 -25.76 -1.48 13.28
C ALA B 304 -25.58 -1.51 11.76
N THR B 305 -26.31 -0.64 11.04
CA THR B 305 -26.29 -0.56 9.58
C THR B 305 -25.15 0.31 9.07
N LEU B 306 -25.02 1.54 9.57
CA LEU B 306 -23.95 2.42 9.09
C LEU B 306 -22.56 1.81 9.33
N SER B 307 -22.44 0.94 10.33
CA SER B 307 -21.16 0.31 10.62
C SER B 307 -20.72 -0.65 9.53
N VAL B 308 -21.63 -1.13 8.69
CA VAL B 308 -21.33 -2.17 7.71
C VAL B 308 -21.53 -1.68 6.28
N VAL B 309 -21.52 -0.37 6.07
CA VAL B 309 -21.63 0.22 4.74
C VAL B 309 -20.29 0.81 4.35
N PRO B 310 -19.71 0.42 3.22
CA PRO B 310 -18.37 0.89 2.85
C PRO B 310 -18.31 2.39 2.59
N GLY B 311 -17.11 2.93 2.77
CA GLY B 311 -16.76 4.25 2.29
C GLY B 311 -17.33 5.44 3.04
N LEU B 312 -17.48 5.33 4.36
CA LEU B 312 -17.93 6.49 5.13
C LEU B 312 -16.87 7.59 5.17
N GLY B 313 -15.60 7.22 5.29
CA GLY B 313 -14.55 8.23 5.33
C GLY B 313 -14.51 9.07 4.07
N GLN B 314 -14.57 8.40 2.90
CA GLN B 314 -14.55 9.11 1.64
C GLN B 314 -15.85 9.85 1.37
N ALA B 315 -16.95 9.43 2.00
CA ALA B 315 -18.20 10.17 1.91
C ALA B 315 -18.14 11.45 2.73
N LEU B 316 -17.19 11.54 3.66
CA LEU B 316 -16.95 12.74 4.44
C LEU B 316 -15.72 13.50 3.98
N GLY B 317 -14.83 12.84 3.24
CA GLY B 317 -13.54 13.43 2.94
C GLY B 317 -12.72 13.62 4.19
N ILE B 318 -12.83 12.68 5.13
CA ILE B 318 -12.25 12.87 6.46
C ILE B 318 -10.73 13.01 6.37
N ALA B 319 -10.09 12.24 5.50
CA ALA B 319 -8.64 12.36 5.34
C ALA B 319 -8.26 13.74 4.81
N ASP B 320 -9.15 14.35 4.03
CA ASP B 320 -8.93 15.72 3.58
C ASP B 320 -9.33 16.73 4.64
N GLY B 321 -10.49 16.50 5.27
CA GLY B 321 -11.01 17.46 6.22
C GLY B 321 -10.12 17.72 7.42
N ILE B 322 -9.35 16.71 7.85
CA ILE B 322 -8.50 16.89 9.03
C ILE B 322 -7.22 17.63 8.72
N LYS B 323 -6.91 17.88 7.45
CA LYS B 323 -5.77 18.69 7.06
C LYS B 323 -6.16 20.10 6.66
N HIS B 324 -7.45 20.42 6.63
CA HIS B 324 -7.91 21.74 6.20
C HIS B 324 -7.62 22.78 7.27
N GLU B 325 -7.45 24.03 6.83
CA GLU B 325 -7.23 25.13 7.76
C GLU B 325 -8.44 25.32 8.67
N ASN B 326 -9.64 25.28 8.10
CA ASN B 326 -10.89 25.40 8.85
C ASN B 326 -11.43 24.01 9.21
N THR B 327 -10.59 23.26 9.94
CA THR B 327 -10.83 21.83 10.17
C THR B 327 -12.19 21.56 10.78
N GLU B 328 -12.45 22.12 11.98
CA GLU B 328 -13.67 21.80 12.70
C GLU B 328 -14.91 22.13 11.87
N GLU B 329 -14.92 23.30 11.22
CA GLU B 329 -16.07 23.67 10.39
C GLU B 329 -16.24 22.73 9.21
N ILE B 330 -15.13 22.40 8.52
CA ILE B 330 -15.19 21.48 7.41
C ILE B 330 -15.75 20.13 7.85
N VAL B 331 -15.29 19.63 8.99
CA VAL B 331 -15.76 18.33 9.48
C VAL B 331 -17.23 18.41 9.87
N VAL B 332 -17.63 19.50 10.54
CA VAL B 332 -19.03 19.67 10.90
C VAL B 332 -19.91 19.73 9.65
N GLN B 333 -19.48 20.51 8.65
CA GLN B 333 -20.30 20.68 7.45
C GLN B 333 -20.34 19.40 6.61
N SER B 334 -19.24 18.65 6.55
CA SER B 334 -19.25 17.41 5.78
C SER B 334 -20.12 16.36 6.45
N ILE B 335 -20.10 16.31 7.78
CA ILE B 335 -20.94 15.34 8.49
C ILE B 335 -22.40 15.74 8.41
N SER B 336 -22.69 17.04 8.51
CA SER B 336 -24.06 17.50 8.43
C SER B 336 -24.68 17.17 7.08
N LEU B 337 -23.94 17.39 5.99
CA LEU B 337 -24.48 17.12 4.66
C LEU B 337 -24.73 15.63 4.46
N ALA B 338 -23.79 14.79 4.90
CA ALA B 338 -23.97 13.35 4.75
C ALA B 338 -25.14 12.83 5.57
N GLY B 339 -25.40 13.42 6.73
CA GLY B 339 -26.54 13.01 7.53
C GLY B 339 -27.86 13.38 6.90
N LEU B 340 -27.97 14.63 6.43
CA LEU B 340 -29.18 15.06 5.74
C LEU B 340 -29.39 14.25 4.48
N LEU B 341 -28.32 13.94 3.75
CA LEU B 341 -28.43 13.17 2.51
C LEU B 341 -28.95 11.76 2.79
N ALA B 342 -28.42 11.09 3.81
CA ALA B 342 -28.86 9.74 4.14
C ALA B 342 -30.32 9.72 4.59
N ALA B 343 -30.71 10.69 5.42
CA ALA B 343 -32.08 10.74 5.90
C ALA B 343 -33.07 10.96 4.76
N GLN B 344 -32.67 11.71 3.73
CA GLN B 344 -33.55 11.94 2.60
C GLN B 344 -33.66 10.71 1.70
N ALA B 345 -32.61 9.87 1.67
CA ALA B 345 -32.55 8.73 0.75
C ALA B 345 -33.01 7.40 1.35
N ILE B 346 -33.08 7.29 2.68
CA ILE B 346 -33.32 6.01 3.34
C ILE B 346 -34.72 5.50 3.02
N PRO B 347 -34.87 4.20 2.72
CA PRO B 347 -36.18 3.64 2.40
C PRO B 347 -37.23 3.85 3.50
N VAL B 348 -38.47 4.12 3.07
CA VAL B 348 -39.61 4.32 3.95
C VAL B 348 -40.60 3.17 3.73
N VAL B 349 -40.76 2.32 4.74
CA VAL B 349 -41.77 1.25 4.72
C VAL B 349 -42.68 1.44 5.92
N GLY B 350 -43.98 1.57 5.66
CA GLY B 350 -44.96 1.79 6.71
C GLY B 350 -45.06 3.24 7.11
N GLU B 351 -45.19 3.51 8.40
CA GLU B 351 -45.21 4.89 8.89
C GLU B 351 -43.78 5.42 8.93
N ALA B 352 -43.56 6.56 8.27
CA ALA B 352 -42.22 7.12 8.24
C ALA B 352 -41.87 7.73 9.58
N VAL B 353 -40.60 7.59 9.97
CA VAL B 353 -40.14 8.16 11.23
C VAL B 353 -39.98 9.68 11.08
N ASP B 354 -40.00 10.36 12.23
CA ASP B 354 -39.81 11.81 12.23
C ASP B 354 -38.46 12.16 11.60
N PHE B 355 -38.51 13.04 10.60
CA PHE B 355 -37.31 13.35 9.84
C PHE B 355 -36.23 14.00 10.72
N GLY B 356 -36.63 14.90 11.61
CA GLY B 356 -35.67 15.55 12.48
C GLY B 356 -34.95 14.56 13.40
N LEU B 357 -35.71 13.63 13.99
CA LEU B 357 -35.11 12.61 14.84
C LEU B 357 -34.23 11.67 14.02
N LEU B 358 -34.60 11.43 12.76
CA LEU B 358 -33.79 10.59 11.89
C LEU B 358 -32.47 11.26 11.56
N VAL B 359 -32.50 12.56 11.24
CA VAL B 359 -31.27 13.30 10.96
C VAL B 359 -30.40 13.35 12.22
N TYR B 360 -31.03 13.52 13.38
CA TYR B 360 -30.28 13.54 14.63
C TYR B 360 -29.52 12.25 14.83
N GLN B 361 -30.20 11.11 14.66
CA GLN B 361 -29.56 9.82 14.85
C GLN B 361 -28.48 9.57 13.81
N LEU B 362 -28.72 10.00 12.57
CA LEU B 362 -27.72 9.81 11.52
C LEU B 362 -26.48 10.65 11.79
N VAL B 363 -26.67 11.89 12.23
CA VAL B 363 -25.53 12.74 12.55
C VAL B 363 -24.76 12.16 13.73
N GLU B 364 -25.47 11.70 14.75
CA GLU B 364 -24.83 11.12 15.93
C GLU B 364 -24.04 9.87 15.56
N THR B 365 -24.63 9.00 14.75
CA THR B 365 -23.93 7.79 14.33
C THR B 365 -22.69 8.10 13.51
N ILE B 366 -22.78 9.09 12.61
CA ILE B 366 -21.64 9.44 11.78
C ILE B 366 -20.48 9.93 12.64
N VAL B 367 -20.77 10.73 13.67
CA VAL B 367 -19.71 11.20 14.55
C VAL B 367 -19.14 10.04 15.37
N ASP B 368 -20.01 9.12 15.81
CA ASP B 368 -19.52 7.95 16.54
C ASP B 368 -18.50 7.16 15.73
N LEU B 369 -18.65 7.13 14.42
CA LEU B 369 -17.73 6.42 13.55
C LEU B 369 -16.55 7.28 13.11
N ALA B 370 -16.79 8.57 12.87
CA ALA B 370 -15.74 9.44 12.36
C ALA B 370 -14.60 9.62 13.36
N THR B 371 -14.90 9.62 14.66
CA THR B 371 -13.85 9.79 15.67
C THR B 371 -12.77 8.74 15.52
N HIS B 372 -13.16 7.46 15.47
CA HIS B 372 -12.19 6.39 15.30
C HIS B 372 -11.49 6.47 13.95
N LEU B 373 -12.24 6.78 12.89
CA LEU B 373 -11.64 6.91 11.56
C LEU B 373 -10.66 8.06 11.50
N SER B 374 -10.99 9.19 12.14
CA SER B 374 -10.09 10.34 12.13
C SER B 374 -8.78 10.01 12.83
N SER B 375 -8.83 9.19 13.88
CA SER B 375 -7.61 8.77 14.55
C SER B 375 -6.75 7.91 13.63
N ALA B 376 -7.37 6.98 12.91
CA ALA B 376 -6.61 6.15 11.98
C ALA B 376 -6.13 6.95 10.78
N ALA B 377 -6.92 7.92 10.33
CA ALA B 377 -6.52 8.74 9.19
C ALA B 377 -5.39 9.69 9.53
N ALA B 378 -5.21 10.03 10.81
CA ALA B 378 -4.13 10.91 11.24
C ALA B 378 -2.80 10.20 11.38
N ASN B 379 -2.77 8.88 11.18
CA ASN B 379 -1.56 8.08 11.35
C ASN B 379 -1.10 7.51 10.01
N PRO B 380 0.18 7.59 9.71
CA PRO B 380 0.72 6.99 8.48
C PRO B 380 0.58 5.47 8.51
N PRO B 381 0.54 4.83 7.35
CA PRO B 381 0.52 3.36 7.31
C PRO B 381 1.70 2.74 8.05
N THR B 382 1.43 1.63 8.73
CA THR B 382 2.50 0.86 9.39
C THR B 382 2.49 -0.61 9.06
N GLU B 383 1.46 -1.15 8.41
CA GLU B 383 1.31 -2.58 8.20
C GLU B 383 1.61 -2.94 6.76
N ALA B 384 2.21 -4.12 6.57
CA ALA B 384 2.55 -4.59 5.23
C ALA B 384 1.29 -4.83 4.41
N THR B 385 1.42 -4.64 3.10
CA THR B 385 0.37 -4.97 2.15
C THR B 385 0.59 -6.33 1.48
N ASP B 386 1.79 -6.88 1.59
CA ASP B 386 2.12 -8.17 1.01
C ASP B 386 1.56 -9.31 1.85
N SER B 387 0.98 -10.29 1.19
CA SER B 387 0.44 -11.45 1.88
C SER B 387 0.64 -12.71 1.03
N VAL B 388 0.50 -13.85 1.68
CA VAL B 388 0.61 -15.14 1.01
C VAL B 388 -0.81 -15.65 0.72
N ARG B 389 -1.06 -15.96 -0.55
CA ARG B 389 -2.35 -16.46 -1.02
C ARG B 389 -3.52 -15.55 -0.64
N PRO B 390 -3.50 -14.28 -1.05
CA PRO B 390 -4.63 -13.39 -0.76
C PRO B 390 -5.94 -13.90 -1.34
N ALA B 391 -7.04 -13.60 -0.64
CA ALA B 391 -8.40 -13.86 -1.14
C ALA B 391 -9.13 -12.52 -1.25
N VAL B 392 -9.83 -12.33 -2.38
CA VAL B 392 -10.50 -11.07 -2.67
C VAL B 392 -11.99 -11.30 -2.93
N SER B 393 -12.82 -10.34 -2.53
CA SER B 393 -14.25 -10.38 -2.77
C SER B 393 -14.91 -9.02 -2.53
N LEU B 394 -15.45 -8.42 -3.58
CA LEU B 394 -16.17 -7.15 -3.49
C LEU B 394 -15.36 -6.07 -2.76
N GLY B 395 -14.09 -5.96 -3.14
CA GLY B 395 -13.21 -4.97 -2.56
C GLY B 395 -12.45 -5.42 -1.33
N LEU B 396 -12.85 -6.54 -0.72
CA LEU B 396 -12.23 -7.04 0.50
C LEU B 396 -11.09 -7.99 0.17
N ARG B 397 -9.95 -7.81 0.83
CA ARG B 397 -8.76 -8.61 0.58
C ARG B 397 -8.16 -9.08 1.90
N ALA B 398 -7.89 -10.37 2.00
CA ALA B 398 -7.25 -10.94 3.19
C ALA B 398 -6.25 -12.00 2.79
N GLY B 399 -5.06 -11.95 3.38
CA GLY B 399 -4.03 -12.94 3.13
C GLY B 399 -3.19 -13.22 4.35
N TRP B 400 -2.45 -14.32 4.29
CA TRP B 400 -1.55 -14.70 5.38
C TRP B 400 -0.30 -13.84 5.38
N LYS B 401 0.12 -13.44 6.58
CA LYS B 401 1.33 -12.63 6.74
C LYS B 401 2.53 -13.32 6.11
N THR B 402 2.78 -14.57 6.49
CA THR B 402 3.84 -15.40 5.92
C THR B 402 3.30 -16.82 5.77
N GLU B 403 4.12 -17.71 5.21
CA GLU B 403 3.72 -19.11 5.10
C GLU B 403 3.50 -19.72 6.48
N GLU B 404 4.33 -19.34 7.46
CA GLU B 404 4.23 -19.92 8.80
C GLU B 404 2.93 -19.53 9.50
N ASP B 405 2.33 -18.40 9.12
CA ASP B 405 1.09 -17.98 9.75
C ASP B 405 -0.08 -18.86 9.32
N ALA B 406 0.00 -19.46 8.13
CA ALA B 406 -1.06 -20.32 7.63
C ALA B 406 -0.94 -21.73 8.22
N LYS B 407 -0.84 -21.82 9.54
CA LYS B 407 -0.65 -23.09 10.22
C LYS B 407 -1.32 -23.02 11.59
N LEU B 408 -1.66 -24.20 12.11
CA LEU B 408 -2.11 -24.31 13.49
C LEU B 408 -1.53 -25.58 14.08
N HIS B 409 -0.78 -25.43 15.17
CA HIS B 409 -0.14 -26.55 15.84
C HIS B 409 -0.97 -26.93 17.06
N ILE B 410 -1.66 -28.07 16.96
CA ILE B 410 -2.44 -28.60 18.06
C ILE B 410 -1.69 -29.68 18.81
N GLY B 411 -0.42 -29.90 18.49
CA GLY B 411 0.41 -30.85 19.19
C GLY B 411 1.64 -30.28 19.85
N SER B 412 2.59 -31.16 20.21
CA SER B 412 3.92 -30.80 20.69
C SER B 412 3.77 -29.96 21.97
N PRO B 413 4.49 -28.84 22.22
CA PRO B 413 4.08 -28.04 23.39
C PRO B 413 2.73 -27.37 23.14
N TYR B 414 1.76 -27.72 23.97
CA TYR B 414 0.43 -27.14 23.87
C TYR B 414 0.43 -25.75 24.51
N GLY B 415 -0.43 -24.89 24.02
CA GLY B 415 -0.54 -23.58 24.60
C GLY B 415 -0.90 -22.53 23.57
N MET B 416 -0.31 -21.35 23.75
CA MET B 416 -0.66 -20.17 22.97
C MET B 416 -0.07 -20.25 21.56
N LYS B 417 -0.94 -20.14 20.56
CA LYS B 417 -0.54 -20.08 19.17
C LYS B 417 -0.99 -18.74 18.59
N PHE B 418 -0.40 -18.35 17.46
CA PHE B 418 -0.72 -17.08 16.83
C PHE B 418 -0.88 -17.25 15.33
N GLN B 419 -1.74 -16.41 14.76
CA GLN B 419 -1.98 -16.36 13.32
C GLN B 419 -2.15 -14.91 12.92
N ARG B 420 -1.33 -14.45 11.98
CA ARG B 420 -1.36 -13.06 11.51
C ARG B 420 -1.90 -13.02 10.09
N ILE B 421 -2.89 -12.17 9.85
CA ILE B 421 -3.56 -12.05 8.56
C ILE B 421 -3.53 -10.61 8.10
N VAL B 422 -3.13 -10.38 6.85
CA VAL B 422 -3.07 -9.04 6.28
C VAL B 422 -4.46 -8.67 5.78
N LEU B 423 -4.97 -7.52 6.23
CA LEU B 423 -6.30 -7.06 5.87
C LEU B 423 -6.17 -5.74 5.13
N SER B 424 -6.74 -5.66 3.93
CA SER B 424 -6.70 -4.43 3.14
C SER B 424 -7.93 -4.40 2.24
N ALA B 425 -7.97 -3.41 1.35
CA ALA B 425 -9.04 -3.27 0.37
C ALA B 425 -8.44 -3.02 -1.01
N GLU B 426 -9.31 -3.05 -2.01
CA GLU B 426 -8.91 -2.66 -3.35
C GLU B 426 -8.82 -1.14 -3.43
N GLU B 427 -8.07 -0.65 -4.42
CA GLU B 427 -7.84 0.77 -4.55
C GLU B 427 -9.17 1.53 -4.65
N GLY B 428 -9.36 2.52 -3.78
CA GLY B 428 -10.56 3.31 -3.77
C GLY B 428 -11.68 2.76 -2.93
N LYS B 429 -11.49 1.61 -2.28
CA LYS B 429 -12.53 0.97 -1.49
C LYS B 429 -12.19 1.09 0.00
N GLU B 430 -13.25 1.13 0.81
CA GLU B 430 -13.15 1.30 2.26
C GLU B 430 -14.11 0.31 2.90
N ILE B 431 -13.60 -0.86 3.29
CA ILE B 431 -14.42 -1.99 3.72
C ILE B 431 -14.39 -2.08 5.24
N PRO B 432 -15.53 -2.06 5.92
CA PRO B 432 -15.55 -2.33 7.37
C PRO B 432 -15.11 -3.76 7.67
N PHE B 433 -14.20 -3.91 8.63
CA PHE B 433 -13.84 -5.21 9.18
C PHE B 433 -14.79 -5.50 10.33
N VAL B 434 -15.84 -6.28 10.06
CA VAL B 434 -16.89 -6.51 11.06
C VAL B 434 -16.46 -7.56 12.08
N ARG B 435 -16.04 -8.74 11.62
CA ARG B 435 -15.59 -9.78 12.54
C ARG B 435 -14.86 -10.86 11.76
N ALA B 436 -14.21 -11.75 12.51
CA ALA B 436 -13.56 -12.94 11.98
C ALA B 436 -14.16 -14.18 12.62
N ALA B 437 -14.48 -15.18 11.80
CA ALA B 437 -14.95 -16.47 12.27
C ALA B 437 -13.80 -17.47 12.28
N VAL B 438 -13.61 -18.13 13.42
CA VAL B 438 -12.49 -19.05 13.61
C VAL B 438 -13.00 -20.37 14.15
N ALA B 439 -12.14 -21.38 14.09
CA ALA B 439 -12.46 -22.71 14.60
C ALA B 439 -11.99 -22.86 16.04
N VAL B 440 -12.82 -23.55 16.83
CA VAL B 440 -12.50 -23.88 18.22
C VAL B 440 -13.05 -25.26 18.50
N ASP B 441 -12.50 -25.91 19.51
CA ASP B 441 -13.04 -27.17 20.01
C ASP B 441 -12.96 -27.13 21.53
N SER B 442 -14.12 -27.27 22.19
CA SER B 442 -14.17 -27.20 23.64
C SER B 442 -13.19 -28.16 24.31
N LYS B 443 -12.81 -29.23 23.62
CA LYS B 443 -11.90 -30.21 24.18
C LYS B 443 -10.44 -29.74 24.19
N PHE B 444 -9.99 -29.10 23.10
CA PHE B 444 -8.58 -28.79 22.98
C PHE B 444 -8.23 -27.46 22.34
N LEU B 445 -9.19 -26.72 21.77
CA LEU B 445 -8.88 -25.48 21.07
C LEU B 445 -9.73 -24.34 21.61
N LYS B 446 -9.08 -23.29 22.12
CA LYS B 446 -9.78 -22.11 22.61
C LYS B 446 -9.29 -20.86 21.88
N ILE B 447 -10.23 -19.95 21.63
CA ILE B 447 -9.90 -18.62 21.17
C ILE B 447 -9.42 -17.79 22.36
N ASN B 448 -8.37 -17.00 22.14
CA ASN B 448 -7.73 -16.24 23.22
C ASN B 448 -7.93 -14.75 22.97
N GLY B 449 -9.16 -14.30 23.24
CA GLY B 449 -9.58 -12.95 22.97
C GLY B 449 -8.71 -11.83 23.55
N PRO B 450 -8.48 -11.85 24.87
CA PRO B 450 -7.65 -10.79 25.49
C PRO B 450 -6.31 -10.59 24.81
N ARG B 451 -5.78 -11.61 24.15
CA ARG B 451 -4.48 -11.54 23.50
C ARG B 451 -4.59 -11.45 21.99
N SER B 452 -5.79 -11.23 21.46
CA SER B 452 -6.03 -11.01 20.05
C SER B 452 -6.24 -9.53 19.81
N PHE B 453 -5.69 -9.03 18.70
CA PHE B 453 -5.78 -7.61 18.39
C PHE B 453 -5.62 -7.42 16.89
N VAL B 454 -5.89 -6.20 16.46
CA VAL B 454 -5.67 -5.77 15.09
C VAL B 454 -4.87 -4.47 15.12
N VAL B 455 -3.84 -4.38 14.29
CA VAL B 455 -2.98 -3.22 14.23
C VAL B 455 -3.22 -2.51 12.90
N GLN B 456 -3.53 -1.22 12.97
CA GLN B 456 -3.73 -0.40 11.78
C GLN B 456 -3.12 0.98 12.05
N ASN B 457 -2.17 1.37 11.22
CA ASN B 457 -1.55 2.69 11.30
C ASN B 457 -1.05 2.98 12.71
N GLY B 458 -0.42 1.99 13.33
CA GLY B 458 0.11 2.16 14.67
C GLY B 458 -0.89 2.06 15.79
N ILE B 459 -2.19 2.00 15.49
CA ILE B 459 -3.22 1.88 16.51
C ILE B 459 -3.52 0.41 16.76
N LYS B 460 -3.43 0.01 18.02
CA LYS B 460 -3.71 -1.37 18.44
C LYS B 460 -5.14 -1.43 18.97
N THR B 461 -5.99 -2.21 18.32
CA THR B 461 -7.39 -2.33 18.72
C THR B 461 -7.67 -3.72 19.26
N PRO B 462 -8.19 -3.83 20.48
CA PRO B 462 -8.50 -5.15 21.06
C PRO B 462 -9.63 -5.84 20.31
N MET B 463 -9.64 -7.17 20.42
CA MET B 463 -10.69 -8.00 19.85
C MET B 463 -11.57 -8.58 20.95
N ALA B 464 -12.87 -8.60 20.69
CA ALA B 464 -13.86 -9.22 21.58
C ALA B 464 -14.37 -10.48 20.92
N CYS B 465 -14.11 -11.63 21.55
CA CYS B 465 -14.44 -12.93 20.98
C CYS B 465 -15.53 -13.62 21.79
N PHE B 466 -16.47 -14.23 21.09
CA PHE B 466 -17.60 -14.93 21.68
C PHE B 466 -17.65 -16.33 21.12
N GLU B 467 -18.38 -17.21 21.80
CA GLU B 467 -18.43 -18.61 21.40
C GLU B 467 -19.80 -18.96 20.84
N THR B 468 -19.79 -19.53 19.63
CA THR B 468 -20.93 -20.27 19.12
C THR B 468 -20.88 -21.70 19.63
N GLU B 469 -19.66 -22.17 19.90
CA GLU B 469 -19.37 -23.50 20.43
C GLU B 469 -20.10 -24.59 19.66
N GLY B 470 -20.23 -24.39 18.36
CA GLY B 470 -20.61 -25.45 17.46
C GLY B 470 -19.33 -25.75 16.70
N ASN B 471 -18.21 -25.52 17.40
CA ASN B 471 -16.84 -25.60 16.91
C ASN B 471 -16.45 -24.36 16.12
N LEU B 472 -17.22 -23.28 16.27
CA LEU B 472 -16.97 -22.02 15.61
C LEU B 472 -17.00 -20.89 16.63
N ALA B 473 -16.16 -19.87 16.43
CA ALA B 473 -16.15 -18.69 17.28
C ALA B 473 -15.97 -17.43 16.44
N PHE B 474 -16.54 -16.33 16.91
CA PHE B 474 -16.51 -15.05 16.22
C PHE B 474 -15.72 -14.03 17.04
N CYS B 475 -14.87 -13.26 16.37
CA CYS B 475 -14.08 -12.22 17.02
C CYS B 475 -14.30 -10.89 16.31
N ARG B 476 -14.64 -9.85 17.07
CA ARG B 476 -14.95 -8.53 16.52
C ARG B 476 -14.04 -7.46 17.09
N PRO B 477 -13.64 -6.47 16.28
CA PRO B 477 -12.91 -5.32 16.81
C PRO B 477 -13.77 -4.48 17.73
N SER B 478 -13.25 -4.21 18.94
CA SER B 478 -13.93 -3.37 19.90
C SER B 478 -14.06 -1.92 19.46
N ARG B 479 -13.36 -1.52 18.39
CA ARG B 479 -13.47 -0.21 17.77
C ARG B 479 -13.69 -0.42 16.27
N PRO B 480 -14.48 0.43 15.62
CA PRO B 480 -14.64 0.32 14.16
C PRO B 480 -13.31 0.28 13.42
N ILE B 481 -13.19 -0.68 12.51
CA ILE B 481 -12.02 -0.82 11.64
C ILE B 481 -12.51 -0.77 10.20
N PHE B 482 -12.00 0.18 9.42
CA PHE B 482 -12.28 0.26 7.98
C PHE B 482 -10.99 0.04 7.20
N LEU B 483 -11.04 -0.87 6.23
CA LEU B 483 -9.86 -1.29 5.48
C LEU B 483 -9.75 -0.51 4.17
N SER B 484 -8.54 -0.08 3.86
CA SER B 484 -8.25 0.58 2.60
C SER B 484 -6.83 0.21 2.17
N SER B 485 -6.47 0.64 0.97
CA SER B 485 -5.09 0.45 0.51
C SER B 485 -4.13 1.31 1.31
N SER B 486 -4.53 2.53 1.66
CA SER B 486 -3.67 3.44 2.39
C SER B 486 -3.58 3.12 3.87
N SER B 487 -4.47 2.28 4.40
CA SER B 487 -4.48 1.93 5.82
C SER B 487 -4.62 0.42 6.00
N PRO B 488 -3.64 -0.36 5.56
CA PRO B 488 -3.70 -1.81 5.77
C PRO B 488 -3.61 -2.16 7.24
N ALA B 489 -4.29 -3.26 7.61
CA ALA B 489 -4.32 -3.74 8.97
C ALA B 489 -3.81 -5.18 9.05
N THR B 490 -3.32 -5.54 10.23
CA THR B 490 -2.90 -6.90 10.55
C THR B 490 -3.73 -7.42 11.71
N LEU B 491 -4.47 -8.50 11.46
CA LEU B 491 -5.22 -9.16 12.53
C LEU B 491 -4.31 -10.20 13.18
N HIS B 492 -4.14 -10.08 14.50
CA HIS B 492 -3.38 -11.05 15.28
C HIS B 492 -4.38 -11.91 16.04
N LEU B 493 -4.59 -13.13 15.55
CA LEU B 493 -5.47 -14.09 16.21
C LEU B 493 -4.66 -14.92 17.19
N SER B 494 -5.16 -15.02 18.41
CA SER B 494 -4.52 -15.83 19.44
C SER B 494 -5.41 -17.02 19.79
N TYR B 495 -4.83 -18.21 19.77
CA TYR B 495 -5.49 -19.44 20.14
C TYR B 495 -4.75 -20.03 21.33
N VAL B 496 -5.44 -20.86 22.10
CA VAL B 496 -4.81 -21.65 23.14
C VAL B 496 -5.10 -23.12 22.88
N THR B 497 -4.05 -23.93 22.89
CA THR B 497 -4.14 -25.36 22.71
C THR B 497 -3.87 -26.05 24.04
N ASN B 498 -4.59 -27.15 24.29
CA ASN B 498 -4.36 -27.96 25.47
C ASN B 498 -4.22 -29.43 25.07
N GLU B 499 -3.81 -30.24 26.04
CA GLU B 499 -3.45 -31.62 25.78
C GLU B 499 -4.65 -32.48 25.39
N HIS B 500 -4.49 -33.25 24.32
CA HIS B 500 -5.57 -34.10 23.80
C HIS B 500 -4.96 -35.24 23.01
N GLU B 501 -5.80 -36.23 22.69
CA GLU B 501 -5.42 -37.33 21.82
C GLU B 501 -6.45 -37.46 20.70
N ASN B 502 -5.97 -37.52 19.46
CA ASN B 502 -6.76 -37.75 18.26
C ASN B 502 -7.73 -36.61 17.94
N GLY B 503 -7.45 -35.40 18.43
CA GLY B 503 -8.26 -34.24 18.10
C GLY B 503 -8.02 -33.75 16.68
N THR B 504 -9.09 -33.24 16.06
CA THR B 504 -9.04 -32.80 14.67
C THR B 504 -9.91 -31.56 14.46
N ILE B 505 -9.60 -30.83 13.40
CA ILE B 505 -10.33 -29.64 12.98
C ILE B 505 -10.88 -29.92 11.59
N LYS B 506 -12.20 -30.06 11.49
CA LYS B 506 -12.81 -30.34 10.20
C LYS B 506 -12.85 -29.13 9.30
N ASN B 507 -12.84 -27.92 9.86
CA ASN B 507 -12.92 -26.67 9.10
C ASN B 507 -11.72 -25.78 9.43
N PRO B 508 -10.52 -26.17 9.00
CA PRO B 508 -9.33 -25.37 9.29
C PRO B 508 -9.27 -24.04 8.55
N THR B 509 -10.23 -23.14 8.79
CA THR B 509 -10.30 -21.89 8.05
C THR B 509 -10.49 -20.70 8.98
N VAL B 510 -10.31 -19.51 8.40
CA VAL B 510 -10.63 -18.23 9.05
C VAL B 510 -11.43 -17.41 8.06
N ASP B 511 -12.65 -17.03 8.46
CA ASP B 511 -13.51 -16.19 7.65
C ASP B 511 -13.30 -14.73 8.02
N ILE B 512 -13.28 -13.86 7.03
CA ILE B 512 -13.18 -12.42 7.23
C ILE B 512 -14.45 -11.80 6.67
N LEU B 513 -15.28 -11.24 7.56
CA LEU B 513 -16.56 -10.68 7.17
C LEU B 513 -16.46 -9.16 7.06
N GLY B 514 -16.99 -8.63 5.96
CA GLY B 514 -16.96 -7.20 5.69
C GLY B 514 -18.32 -6.56 5.54
N GLN B 515 -18.48 -5.78 4.48
CA GLN B 515 -19.70 -5.01 4.28
C GLN B 515 -20.91 -5.90 4.07
N ARG B 516 -22.09 -5.30 4.27
CA ARG B 516 -23.35 -6.00 4.08
C ARG B 516 -23.69 -6.11 2.59
N ILE B 517 -24.15 -7.29 2.20
CA ILE B 517 -24.63 -7.55 0.83
C ILE B 517 -26.14 -7.61 0.87
N VAL B 518 -26.80 -6.94 -0.09
CA VAL B 518 -28.26 -6.96 -0.18
C VAL B 518 -28.64 -7.28 -1.62
N GLU B 519 -29.39 -8.36 -1.82
CA GLU B 519 -29.85 -8.77 -3.15
C GLU B 519 -31.32 -9.16 -3.00
N ASN B 520 -32.22 -8.25 -3.40
CA ASN B 520 -33.67 -8.49 -3.37
C ASN B 520 -34.15 -8.84 -1.96
N LYS B 521 -33.88 -7.93 -1.02
CA LYS B 521 -34.27 -8.01 0.39
C LYS B 521 -33.50 -9.09 1.14
N VAL B 522 -32.74 -9.91 0.42
CA VAL B 522 -31.93 -10.96 1.05
C VAL B 522 -30.62 -10.35 1.50
N ILE B 523 -30.17 -10.72 2.71
CA ILE B 523 -29.08 -10.05 3.38
C ILE B 523 -28.00 -11.07 3.69
N THR B 524 -26.74 -10.73 3.39
CA THR B 524 -25.60 -11.48 3.88
C THR B 524 -24.43 -10.51 4.05
N ALA B 525 -23.33 -11.02 4.58
CA ALA B 525 -22.12 -10.23 4.78
C ALA B 525 -21.04 -10.67 3.80
N ASN B 526 -20.31 -9.69 3.26
CA ASN B 526 -19.17 -10.00 2.41
C ASN B 526 -18.14 -10.79 3.18
N LYS B 527 -17.65 -11.87 2.57
CA LYS B 527 -16.79 -12.82 3.26
C LYS B 527 -15.65 -13.27 2.37
N VAL B 528 -14.47 -13.42 2.95
CA VAL B 528 -13.33 -14.08 2.33
C VAL B 528 -12.82 -15.13 3.31
N SER B 529 -12.39 -16.27 2.78
CA SER B 529 -12.00 -17.41 3.60
C SER B 529 -10.56 -17.80 3.31
N LEU B 530 -9.79 -18.01 4.37
CA LEU B 530 -8.40 -18.45 4.29
C LEU B 530 -8.29 -19.82 4.93
N VAL B 531 -7.47 -20.68 4.34
CA VAL B 531 -7.31 -22.05 4.81
C VAL B 531 -5.90 -22.22 5.33
N TYR B 532 -5.77 -22.86 6.50
CA TYR B 532 -4.47 -23.15 7.07
C TYR B 532 -4.29 -24.66 7.18
N LYS B 533 -3.04 -25.06 7.44
CA LYS B 533 -2.68 -26.46 7.62
C LYS B 533 -2.61 -26.77 9.11
N VAL B 534 -3.26 -27.85 9.49
CA VAL B 534 -3.25 -28.28 10.89
C VAL B 534 -2.13 -29.30 11.07
N ASP B 535 -1.25 -29.02 12.03
CA ASP B 535 -0.11 -29.88 12.32
C ASP B 535 -0.38 -30.58 13.64
N SER B 536 -0.51 -31.90 13.57
CA SER B 536 -0.71 -32.72 14.76
C SER B 536 0.56 -33.41 15.21
N SER B 537 1.68 -33.15 14.55
CA SER B 537 2.91 -33.78 15.00
C SER B 537 3.26 -33.25 16.38
N ASN B 538 3.38 -34.15 17.35
CA ASN B 538 3.83 -33.82 18.68
C ASN B 538 5.33 -33.90 18.79
N THR B 539 6.02 -33.93 17.64
CA THR B 539 7.47 -33.95 17.61
C THR B 539 8.04 -32.55 17.77
N LEU B 540 7.46 -31.56 17.09
CA LEU B 540 7.95 -30.19 17.18
C LEU B 540 6.84 -29.21 16.82
CA CA C . 6.76 16.83 -31.23
CA CA D . 10.56 -14.37 -11.93
CA CA E . 32.28 -24.30 -23.11
CA CA F . 9.11 26.94 -4.21
CA CA G . -28.87 7.85 20.31
CA CA H . -12.42 -18.72 41.32
CA CA I . -17.63 23.89 23.07
#